data_7YMU
#
_entry.id   7YMU
#
_cell.length_a   69.570
_cell.length_b   102.750
_cell.length_c   179.690
_cell.angle_alpha   90.000
_cell.angle_beta   95.640
_cell.angle_gamma   90.000
#
_symmetry.space_group_name_H-M   'C 1 2 1'
#
loop_
_entity.id
_entity.type
_entity.pdbx_description
1 polymer 'NADPH-dependent methylglyoxal reductase GRE2'
2 non-polymer 1,2-ETHANEDIOL
3 non-polymer DI(HYDROXYETHYL)ETHER
4 non-polymer 'CITRIC ACID'
5 water water
#
_entity_poly.entity_id   1
_entity_poly.type   'polypeptide(L)'
_entity_poly.pdbx_seq_one_letter_code
;MTAANNNTTVFVSGASGFIAQHIIRQLLDQNYKVIGSVRSTEKGDNLKNAIFKSANFNYEIVKDIADLNAFDPVFEKHGK
DIKVVLHTASPLNFTTTEYEKDLLIPAVNGTKGILESIKKYAAQTVERVVVTSSFASHTSTVDMCNTKGKITEDSWNQDT
WENCQTDAVRAYFGSKKFAEEAAWEFLNKNKDTVKFKLATVDPVYVFGPQNHIEPGKKVLNVSSEVINQLVHLKKDDPLP
QVACGYIDVRDIAKAHILAFQKDELIGQRLLLHSGLFTVQTLLDAINEQFPELRGKIPAGEPGSNKPEDLLTPIDNTKTK
KLLGFEFRDLKTIIQDTVSQILEAENASAKL
;
_entity_poly.pdbx_strand_id   A,B,C
#
# COMPACT_ATOMS: atom_id res chain seq x y z
N ALA A 4 23.00 -10.66 -23.53
CA ALA A 4 21.54 -10.65 -23.35
C ALA A 4 20.87 -9.52 -24.13
N ASN A 5 21.61 -8.44 -24.42
CA ASN A 5 21.03 -7.36 -25.23
C ASN A 5 20.77 -7.83 -26.65
N ASN A 6 21.62 -8.70 -27.18
CA ASN A 6 21.37 -9.15 -28.54
C ASN A 6 20.14 -10.05 -28.61
N ASN A 7 19.70 -10.61 -27.48
CA ASN A 7 18.45 -11.35 -27.41
C ASN A 7 17.24 -10.44 -27.22
N THR A 8 17.43 -9.11 -27.23
CA THR A 8 16.34 -8.16 -27.04
C THR A 8 16.20 -7.34 -28.31
N THR A 9 15.02 -7.42 -28.93
CA THR A 9 14.72 -6.63 -30.12
C THR A 9 13.99 -5.36 -29.72
N VAL A 10 14.51 -4.22 -30.19
CA VAL A 10 13.93 -2.90 -29.91
C VAL A 10 13.38 -2.34 -31.22
N PHE A 11 12.09 -2.02 -31.25
CA PHE A 11 11.49 -1.34 -32.39
C PHE A 11 11.56 0.19 -32.21
N VAL A 12 12.16 0.88 -33.19
CA VAL A 12 12.28 2.36 -33.18
C VAL A 12 11.53 2.91 -34.39
N SER A 13 10.40 3.56 -34.16
CA SER A 13 9.71 4.23 -35.23
C SER A 13 10.43 5.51 -35.66
N GLY A 14 10.35 5.81 -36.96
CA GLY A 14 10.90 7.05 -37.47
C GLY A 14 12.42 7.07 -37.40
N ALA A 15 13.02 5.96 -37.85
CA ALA A 15 14.46 5.72 -37.63
C ALA A 15 15.37 6.74 -38.31
N SER A 16 14.89 7.46 -39.33
CA SER A 16 15.74 8.42 -40.00
C SER A 16 15.86 9.75 -39.25
N GLY A 17 15.02 9.96 -38.24
CA GLY A 17 14.95 11.24 -37.55
C GLY A 17 16.22 11.58 -36.78
N PHE A 18 16.31 12.86 -36.42
CA PHE A 18 17.45 13.42 -35.70
C PHE A 18 17.66 12.71 -34.37
N ILE A 19 16.61 12.69 -33.53
CA ILE A 19 16.68 11.97 -32.25
C ILE A 19 16.88 10.48 -32.49
N ALA A 20 16.08 9.91 -33.39
CA ALA A 20 16.04 8.46 -33.55
C ALA A 20 17.39 7.89 -33.97
N GLN A 21 18.12 8.60 -34.83
CA GLN A 21 19.41 8.10 -35.30
C GLN A 21 20.39 7.99 -34.14
N HIS A 22 20.38 8.97 -33.23
CA HIS A 22 21.23 8.86 -32.04
C HIS A 22 20.77 7.74 -31.14
N ILE A 23 19.45 7.53 -31.02
CA ILE A 23 18.98 6.40 -30.21
C ILE A 23 19.51 5.09 -30.76
N ILE A 24 19.43 4.93 -32.07
CA ILE A 24 19.77 3.64 -32.70
C ILE A 24 21.27 3.42 -32.64
N ARG A 25 22.05 4.47 -32.91
CA ARG A 25 23.50 4.39 -32.70
C ARG A 25 23.81 3.89 -31.30
N GLN A 26 23.24 4.53 -30.28
CA GLN A 26 23.50 4.09 -28.91
C GLN A 26 23.02 2.67 -28.66
N LEU A 27 21.82 2.31 -29.17
CA LEU A 27 21.31 0.95 -29.02
C LEU A 27 22.27 -0.05 -29.64
N LEU A 28 22.72 0.21 -30.86
CA LEU A 28 23.62 -0.72 -31.53
C LEU A 28 24.94 -0.84 -30.78
N ASP A 29 25.44 0.27 -30.24
CA ASP A 29 26.67 0.23 -29.45
C ASP A 29 26.52 -0.65 -28.21
N GLN A 30 25.30 -0.84 -27.72
CA GLN A 30 25.01 -1.74 -26.61
C GLN A 30 24.61 -3.14 -27.07
N ASN A 31 24.81 -3.45 -28.35
CA ASN A 31 24.56 -4.77 -28.92
C ASN A 31 23.08 -5.16 -28.92
N TYR A 32 22.16 -4.19 -28.92
CA TYR A 32 20.75 -4.52 -29.09
C TYR A 32 20.45 -4.88 -30.53
N LYS A 33 19.42 -5.69 -30.73
CA LYS A 33 18.80 -5.87 -32.06
C LYS A 33 17.77 -4.78 -32.26
N VAL A 34 17.83 -4.10 -33.40
CA VAL A 34 16.98 -2.94 -33.67
C VAL A 34 16.24 -3.15 -34.98
N ILE A 35 14.93 -2.94 -34.96
CA ILE A 35 14.16 -2.76 -36.18
C ILE A 35 13.69 -1.32 -36.19
N GLY A 36 14.08 -0.56 -37.21
CA GLY A 36 13.57 0.78 -37.38
C GLY A 36 12.47 0.85 -38.42
N SER A 37 11.60 1.85 -38.31
CA SER A 37 10.64 2.09 -39.38
C SER A 37 11.08 3.29 -40.19
N VAL A 38 10.94 3.17 -41.52
CA VAL A 38 11.35 4.19 -42.48
C VAL A 38 10.23 4.37 -43.49
N ARG A 39 10.29 5.46 -44.23
CA ARG A 39 9.23 5.77 -45.19
C ARG A 39 9.46 5.15 -46.55
N SER A 40 10.68 4.68 -46.84
CA SER A 40 10.94 4.06 -48.13
C SER A 40 12.10 3.07 -48.01
N THR A 41 12.18 2.18 -49.01
CA THR A 41 13.33 1.29 -49.08
C THR A 41 14.65 2.06 -49.21
N GLU A 42 14.68 3.12 -50.02
CA GLU A 42 15.95 3.80 -50.21
C GLU A 42 16.44 4.43 -48.92
N LYS A 43 15.53 5.00 -48.13
CA LYS A 43 15.90 5.55 -46.85
C LYS A 43 16.39 4.46 -45.89
N GLY A 44 15.67 3.34 -45.83
CA GLY A 44 16.12 2.24 -44.98
C GLY A 44 17.47 1.71 -45.39
N ASP A 45 17.70 1.58 -46.70
CA ASP A 45 18.99 1.06 -47.17
C ASP A 45 20.12 2.03 -46.89
N ASN A 46 19.91 3.30 -47.19
CA ASN A 46 20.90 4.30 -46.81
C ASN A 46 21.20 4.20 -45.32
N LEU A 47 20.17 4.05 -44.49
CA LEU A 47 20.42 3.96 -43.04
C LEU A 47 21.26 2.73 -42.71
N LYS A 48 20.82 1.56 -43.20
CA LYS A 48 21.48 0.32 -42.79
C LYS A 48 22.93 0.29 -43.24
N ASN A 49 23.18 0.70 -44.48
CA ASN A 49 24.46 0.41 -45.08
C ASN A 49 25.39 1.61 -45.22
N ALA A 50 24.90 2.85 -45.07
CA ALA A 50 25.78 4.02 -45.08
C ALA A 50 25.91 4.70 -43.72
N ILE A 51 24.90 4.61 -42.86
CA ILE A 51 24.90 5.33 -41.58
C ILE A 51 25.21 4.41 -40.41
N PHE A 52 24.37 3.40 -40.17
CA PHE A 52 24.58 2.57 -39.00
C PHE A 52 25.63 1.48 -39.24
N LYS A 53 25.55 0.81 -40.40
CA LYS A 53 26.53 -0.20 -40.83
C LYS A 53 26.56 -1.37 -39.86
N SER A 54 25.38 -1.92 -39.58
CA SER A 54 25.28 -2.96 -38.58
C SER A 54 24.35 -4.06 -39.04
N ALA A 55 24.79 -5.31 -38.85
CA ALA A 55 23.91 -6.45 -39.02
C ALA A 55 22.80 -6.49 -37.97
N ASN A 56 22.90 -5.71 -36.88
CA ASN A 56 21.83 -5.70 -35.91
C ASN A 56 20.75 -4.65 -36.19
N PHE A 57 20.83 -3.95 -37.32
CA PHE A 57 19.80 -2.99 -37.72
C PHE A 57 19.00 -3.54 -38.91
N ASN A 58 17.71 -3.75 -38.71
CA ASN A 58 16.76 -4.09 -39.76
C ASN A 58 15.75 -2.96 -39.88
N TYR A 59 14.98 -2.93 -40.97
CA TYR A 59 13.97 -1.87 -41.10
C TYR A 59 12.71 -2.41 -41.75
N GLU A 60 11.61 -1.75 -41.42
CA GLU A 60 10.30 -1.98 -42.02
C GLU A 60 9.79 -0.66 -42.57
N ILE A 61 9.04 -0.72 -43.68
CA ILE A 61 8.48 0.47 -44.31
C ILE A 61 7.16 0.78 -43.64
N VAL A 62 7.04 2.00 -43.09
CA VAL A 62 5.77 2.49 -42.54
C VAL A 62 5.64 3.93 -43.04
N LYS A 63 4.70 4.18 -43.94
CA LYS A 63 4.73 5.46 -44.65
C LYS A 63 3.99 6.59 -43.95
N ASP A 64 2.83 6.34 -43.36
CA ASP A 64 1.96 7.41 -42.86
C ASP A 64 1.45 7.08 -41.47
N ILE A 65 2.07 7.65 -40.41
CA ILE A 65 1.59 7.34 -39.06
C ILE A 65 0.27 8.00 -38.71
N ALA A 66 -0.30 8.81 -39.59
CA ALA A 66 -1.66 9.27 -39.34
C ALA A 66 -2.68 8.17 -39.57
N ASP A 67 -2.28 7.08 -40.25
CA ASP A 67 -3.15 5.93 -40.43
C ASP A 67 -3.07 5.08 -39.16
N LEU A 68 -4.23 4.84 -38.52
CA LEU A 68 -4.23 4.12 -37.26
C LEU A 68 -3.73 2.69 -37.42
N ASN A 69 -3.77 2.12 -38.63
CA ASN A 69 -3.28 0.76 -38.81
C ASN A 69 -1.86 0.72 -39.38
N ALA A 70 -1.15 1.84 -39.35
CA ALA A 70 0.16 1.91 -40.01
C ALA A 70 1.16 0.89 -39.47
N PHE A 71 1.10 0.59 -38.17
CA PHE A 71 2.07 -0.33 -37.58
C PHE A 71 1.55 -1.76 -37.45
N ASP A 72 0.34 -2.02 -37.92
CA ASP A 72 -0.20 -3.38 -37.84
C ASP A 72 0.69 -4.40 -38.53
N PRO A 73 1.15 -4.20 -39.77
CA PRO A 73 2.05 -5.19 -40.39
C PRO A 73 3.30 -5.46 -39.59
N VAL A 74 3.92 -4.43 -39.00
CA VAL A 74 5.15 -4.62 -38.23
C VAL A 74 4.89 -5.55 -37.04
N PHE A 75 3.85 -5.26 -36.26
CA PHE A 75 3.66 -6.07 -35.06
C PHE A 75 3.04 -7.44 -35.37
N GLU A 76 2.25 -7.58 -36.43
CA GLU A 76 1.89 -8.93 -36.88
C GLU A 76 3.12 -9.75 -37.21
N LYS A 77 4.06 -9.17 -37.95
CA LYS A 77 5.24 -9.92 -38.36
C LYS A 77 6.17 -10.17 -37.20
N HIS A 78 6.33 -9.19 -36.29
CA HIS A 78 7.37 -9.29 -35.27
C HIS A 78 6.82 -9.30 -33.86
N GLY A 79 5.50 -9.51 -33.70
CA GLY A 79 4.84 -9.31 -32.42
C GLY A 79 5.30 -10.21 -31.31
N LYS A 80 5.90 -11.34 -31.63
CA LYS A 80 6.44 -12.20 -30.60
C LYS A 80 7.89 -11.89 -30.27
N ASP A 81 8.55 -11.00 -31.02
CA ASP A 81 9.96 -10.68 -30.84
C ASP A 81 10.23 -9.30 -30.24
N ILE A 82 9.37 -8.31 -30.48
CA ILE A 82 9.70 -6.95 -30.03
C ILE A 82 9.41 -6.84 -28.54
N LYS A 83 10.45 -6.60 -27.76
CA LYS A 83 10.27 -6.41 -26.33
C LYS A 83 10.16 -4.94 -25.92
N VAL A 84 10.61 -4.01 -26.77
CA VAL A 84 10.74 -2.60 -26.41
C VAL A 84 10.34 -1.78 -27.64
N VAL A 85 9.50 -0.76 -27.44
CA VAL A 85 9.06 0.10 -28.53
C VAL A 85 9.46 1.52 -28.12
N LEU A 86 10.31 2.15 -28.93
CA LEU A 86 10.67 3.56 -28.78
C LEU A 86 9.97 4.28 -29.92
N HIS A 87 8.84 4.93 -29.60
CA HIS A 87 7.99 5.55 -30.61
C HIS A 87 8.37 7.02 -30.76
N THR A 88 9.24 7.31 -31.72
CA THR A 88 9.76 8.66 -31.95
C THR A 88 9.12 9.35 -33.15
N ALA A 89 8.41 8.60 -33.99
CA ALA A 89 7.87 9.15 -35.22
C ALA A 89 6.72 10.13 -34.93
N SER A 90 6.69 11.22 -35.70
CA SER A 90 5.65 12.23 -35.67
C SER A 90 5.11 12.46 -37.08
N PRO A 91 3.86 12.90 -37.21
CA PRO A 91 3.34 13.20 -38.55
C PRO A 91 4.12 14.33 -39.20
N LEU A 92 4.10 14.35 -40.52
CA LEU A 92 4.69 15.47 -41.24
C LEU A 92 4.01 16.78 -40.87
N ASN A 93 4.81 17.80 -40.55
CA ASN A 93 4.29 19.12 -40.22
C ASN A 93 4.30 20.00 -41.47
N PHE A 94 3.16 20.55 -41.85
CA PHE A 94 3.06 21.32 -43.08
C PHE A 94 2.10 22.47 -42.91
N THR A 95 2.24 23.48 -43.79
CA THR A 95 1.38 24.65 -43.71
C THR A 95 -0.07 24.28 -43.98
N THR A 96 -0.96 24.77 -43.12
CA THR A 96 -2.38 24.48 -43.17
C THR A 96 -3.13 25.54 -42.39
N THR A 97 -4.40 25.75 -42.74
CA THR A 97 -5.30 26.49 -41.89
C THR A 97 -6.35 25.60 -41.26
N GLU A 98 -6.35 24.30 -41.58
CA GLU A 98 -7.28 23.35 -40.99
C GLU A 98 -6.55 22.53 -39.93
N TYR A 99 -6.42 23.13 -38.73
CA TYR A 99 -5.56 22.54 -37.71
C TYR A 99 -6.10 21.23 -37.17
N GLU A 100 -7.42 21.12 -36.96
CA GLU A 100 -7.93 19.86 -36.44
C GLU A 100 -7.65 18.71 -37.41
N LYS A 101 -7.99 18.91 -38.68
CA LYS A 101 -7.84 17.86 -39.70
C LYS A 101 -6.38 17.51 -39.98
N ASP A 102 -5.54 18.52 -40.13
CA ASP A 102 -4.18 18.33 -40.63
C ASP A 102 -3.12 18.22 -39.55
N LEU A 103 -3.43 18.59 -38.30
CA LEU A 103 -2.45 18.58 -37.23
C LEU A 103 -2.91 17.78 -36.03
N LEU A 104 -4.07 18.12 -35.47
CA LEU A 104 -4.46 17.52 -34.19
C LEU A 104 -4.82 16.06 -34.36
N ILE A 105 -5.75 15.77 -35.27
CA ILE A 105 -6.15 14.37 -35.48
C ILE A 105 -4.97 13.50 -35.90
N PRO A 106 -4.12 13.89 -36.87
CA PRO A 106 -2.96 13.02 -37.18
C PRO A 106 -2.03 12.80 -36.00
N ALA A 107 -1.85 13.80 -35.13
CA ALA A 107 -0.94 13.61 -34.01
C ALA A 107 -1.51 12.62 -33.01
N VAL A 108 -2.81 12.72 -32.72
CA VAL A 108 -3.40 11.78 -31.78
C VAL A 108 -3.39 10.36 -32.36
N ASN A 109 -3.82 10.21 -33.60
CA ASN A 109 -3.77 8.90 -34.25
C ASN A 109 -2.34 8.38 -34.35
N GLY A 110 -1.36 9.28 -34.52
CA GLY A 110 0.05 8.91 -34.55
C GLY A 110 0.55 8.26 -33.28
N THR A 111 -0.09 8.54 -32.15
CA THR A 111 0.18 7.87 -30.88
C THR A 111 -0.74 6.65 -30.71
N LYS A 112 -2.03 6.82 -30.94
CA LYS A 112 -2.97 5.74 -30.65
C LYS A 112 -2.70 4.51 -31.50
N GLY A 113 -2.32 4.71 -32.76
CA GLY A 113 -2.20 3.60 -33.70
C GLY A 113 -1.24 2.52 -33.27
N ILE A 114 0.01 2.91 -33.01
CA ILE A 114 1.02 1.93 -32.63
C ILE A 114 0.67 1.25 -31.31
N LEU A 115 0.04 1.98 -30.38
CA LEU A 115 -0.38 1.35 -29.14
C LEU A 115 -1.44 0.26 -29.39
N GLU A 116 -2.43 0.56 -30.24
CA GLU A 116 -3.44 -0.44 -30.60
C GLU A 116 -2.81 -1.61 -31.34
N SER A 117 -1.79 -1.37 -32.17
CA SER A 117 -1.09 -2.46 -32.83
C SER A 117 -0.44 -3.39 -31.81
N ILE A 118 0.18 -2.80 -30.77
CA ILE A 118 0.77 -3.58 -29.69
C ILE A 118 -0.29 -4.38 -28.97
N LYS A 119 -1.44 -3.75 -28.68
CA LYS A 119 -2.52 -4.47 -28.00
C LYS A 119 -3.02 -5.65 -28.85
N LYS A 120 -3.07 -5.45 -30.16
CA LYS A 120 -3.66 -6.44 -31.04
C LYS A 120 -2.75 -7.66 -31.20
N TYR A 121 -1.45 -7.42 -31.36
CA TYR A 121 -0.55 -8.44 -31.85
C TYR A 121 0.61 -8.75 -30.93
N ALA A 122 0.77 -8.00 -29.82
CA ALA A 122 1.95 -8.18 -29.00
C ALA A 122 1.69 -7.84 -27.54
N ALA A 123 0.44 -7.99 -27.09
CA ALA A 123 0.01 -7.51 -25.78
C ALA A 123 0.86 -8.07 -24.66
N GLN A 124 1.25 -9.34 -24.76
CA GLN A 124 2.03 -9.97 -23.69
C GLN A 124 3.50 -10.08 -24.02
N THR A 125 3.97 -9.43 -25.08
CA THR A 125 5.36 -9.48 -25.49
C THR A 125 6.10 -8.16 -25.27
N VAL A 126 5.52 -7.03 -25.66
CA VAL A 126 6.19 -5.75 -25.45
C VAL A 126 6.25 -5.45 -23.96
N GLU A 127 7.45 -5.24 -23.44
CA GLU A 127 7.63 -4.99 -22.02
C GLU A 127 7.70 -3.51 -21.67
N ARG A 128 8.27 -2.69 -22.55
CA ARG A 128 8.51 -1.28 -22.26
C ARG A 128 8.18 -0.48 -23.51
N VAL A 129 7.46 0.64 -23.34
CA VAL A 129 7.22 1.63 -24.39
C VAL A 129 7.73 2.97 -23.87
N VAL A 130 8.47 3.69 -24.72
CA VAL A 130 8.84 5.09 -24.49
C VAL A 130 8.31 5.89 -25.66
N VAL A 131 7.50 6.92 -25.39
CA VAL A 131 6.98 7.77 -26.47
C VAL A 131 7.73 9.09 -26.44
N THR A 132 8.24 9.52 -27.60
CA THR A 132 8.84 10.84 -27.74
C THR A 132 7.73 11.86 -27.76
N SER A 133 7.76 12.77 -26.80
CA SER A 133 6.75 13.80 -26.68
C SER A 133 7.42 15.16 -26.87
N SER A 134 7.04 16.14 -26.05
CA SER A 134 7.54 17.49 -26.23
C SER A 134 7.29 18.30 -24.97
N PHE A 135 8.19 19.23 -24.70
CA PHE A 135 7.96 20.36 -23.80
C PHE A 135 6.55 20.93 -24.01
N ALA A 136 6.07 20.92 -25.26
CA ALA A 136 4.75 21.49 -25.56
C ALA A 136 3.60 20.75 -24.87
N SER A 137 3.80 19.52 -24.40
CA SER A 137 2.74 18.91 -23.62
C SER A 137 2.69 19.46 -22.20
N HIS A 138 3.72 20.22 -21.79
CA HIS A 138 3.80 20.75 -20.44
C HIS A 138 3.33 22.20 -20.34
N THR A 139 3.28 22.92 -21.47
CA THR A 139 2.85 24.32 -21.50
C THR A 139 2.33 24.68 -22.88
N SER A 140 1.27 25.50 -22.90
CA SER A 140 0.91 26.21 -24.12
C SER A 140 1.96 27.24 -24.49
N THR A 141 1.92 27.67 -25.75
CA THR A 141 2.71 28.84 -26.12
C THR A 141 2.30 30.05 -25.29
N VAL A 142 1.02 30.18 -24.94
CA VAL A 142 0.60 31.37 -24.19
C VAL A 142 1.07 31.37 -22.75
N ASP A 143 1.55 30.24 -22.22
CA ASP A 143 2.03 30.16 -20.84
C ASP A 143 3.54 30.02 -20.75
N MET A 144 4.26 30.25 -21.86
CA MET A 144 5.70 30.05 -21.92
C MET A 144 6.52 31.24 -21.47
N CYS A 145 5.90 32.39 -21.28
CA CYS A 145 6.62 33.64 -21.02
C CYS A 145 6.10 34.30 -19.76
N ASN A 146 6.03 33.54 -18.67
CA ASN A 146 5.56 34.07 -17.39
C ASN A 146 6.68 33.82 -16.39
N THR A 147 7.52 34.84 -16.18
CA THR A 147 8.67 34.66 -15.28
C THR A 147 8.26 34.39 -13.84
N LYS A 148 7.00 34.58 -13.48
CA LYS A 148 6.52 34.27 -12.14
C LYS A 148 5.98 32.86 -11.99
N GLY A 149 5.77 32.15 -13.10
CA GLY A 149 5.27 30.79 -13.05
C GLY A 149 6.38 29.76 -12.93
N LYS A 150 6.01 28.51 -13.16
CA LYS A 150 6.97 27.41 -13.09
C LYS A 150 6.41 26.24 -13.86
N ILE A 151 7.26 25.58 -14.64
CA ILE A 151 6.90 24.38 -15.38
C ILE A 151 7.69 23.22 -14.79
N THR A 152 6.99 22.14 -14.42
CA THR A 152 7.65 20.90 -14.01
C THR A 152 7.12 19.75 -14.87
N GLU A 153 7.61 18.55 -14.56
CA GLU A 153 7.13 17.35 -15.25
C GLU A 153 5.65 17.09 -15.02
N ASP A 154 5.05 17.65 -13.96
CA ASP A 154 3.62 17.44 -13.74
C ASP A 154 2.75 18.51 -14.39
N SER A 155 3.33 19.60 -14.89
CA SER A 155 2.57 20.61 -15.63
C SER A 155 2.06 20.05 -16.96
N TRP A 156 0.85 20.46 -17.31
CA TRP A 156 0.22 20.16 -18.59
C TRP A 156 -0.13 21.45 -19.30
N ASN A 157 0.12 21.45 -20.60
CA ASN A 157 -0.41 22.46 -21.51
C ASN A 157 -1.92 22.60 -21.26
N GLN A 158 -2.36 23.82 -20.89
CA GLN A 158 -3.73 24.04 -20.47
C GLN A 158 -4.68 24.35 -21.63
N ASP A 159 -4.21 24.38 -22.87
CA ASP A 159 -5.10 24.67 -23.97
C ASP A 159 -6.13 23.55 -24.14
N THR A 160 -7.29 23.93 -24.65
CA THR A 160 -8.29 22.95 -25.05
C THR A 160 -8.10 22.58 -26.52
N TRP A 161 -8.76 21.50 -26.93
CA TRP A 161 -8.82 21.15 -28.34
C TRP A 161 -9.15 22.36 -29.20
N GLU A 162 -10.08 23.20 -28.73
CA GLU A 162 -10.55 24.32 -29.54
C GLU A 162 -9.62 25.53 -29.46
N ASN A 163 -9.17 25.90 -28.27
CA ASN A 163 -8.47 27.17 -28.24
C ASN A 163 -7.00 27.07 -28.63
N CYS A 164 -6.44 25.86 -28.81
CA CYS A 164 -5.09 25.79 -29.36
C CYS A 164 -5.04 26.10 -30.85
N GLN A 165 -6.19 26.19 -31.49
CA GLN A 165 -6.26 26.33 -32.94
C GLN A 165 -6.20 27.78 -33.40
N THR A 166 -5.81 28.71 -32.54
CA THR A 166 -5.77 30.11 -32.95
C THR A 166 -4.65 30.41 -33.93
N ASP A 167 -3.60 29.59 -33.94
CA ASP A 167 -2.47 29.87 -34.82
C ASP A 167 -1.63 28.60 -34.96
N ALA A 168 -0.77 28.61 -35.98
CA ALA A 168 -0.09 27.38 -36.40
C ALA A 168 0.85 26.83 -35.32
N VAL A 169 1.63 27.69 -34.64
CA VAL A 169 2.52 27.18 -33.59
C VAL A 169 1.72 26.69 -32.39
N ARG A 170 0.72 27.45 -31.96
CA ARG A 170 -0.08 27.00 -30.82
C ARG A 170 -0.76 25.68 -31.12
N ALA A 171 -1.25 25.51 -32.34
CA ALA A 171 -1.91 24.25 -32.73
C ALA A 171 -0.92 23.09 -32.72
N TYR A 172 0.28 23.32 -33.23
CA TYR A 172 1.34 22.31 -33.14
C TYR A 172 1.64 21.94 -31.68
N PHE A 173 1.75 22.94 -30.78
CA PHE A 173 1.93 22.63 -29.36
C PHE A 173 0.77 21.78 -28.84
N GLY A 174 -0.45 22.13 -29.24
CA GLY A 174 -1.60 21.37 -28.81
C GLY A 174 -1.57 19.94 -29.34
N SER A 175 -1.10 19.77 -30.58
CA SER A 175 -0.99 18.43 -31.14
C SER A 175 -0.08 17.56 -30.30
N LYS A 176 1.01 18.12 -29.78
CA LYS A 176 1.89 17.35 -28.90
C LYS A 176 1.21 17.01 -27.58
N LYS A 177 0.47 17.97 -27.02
CA LYS A 177 -0.26 17.72 -25.79
C LYS A 177 -1.23 16.55 -25.94
N PHE A 178 -2.09 16.61 -26.95
CA PHE A 178 -3.13 15.59 -27.08
C PHE A 178 -2.55 14.26 -27.52
N ALA A 179 -1.45 14.27 -28.30
CA ALA A 179 -0.77 13.01 -28.62
C ALA A 179 -0.22 12.34 -27.36
N GLU A 180 0.37 13.11 -26.45
CA GLU A 180 0.88 12.48 -25.25
C GLU A 180 -0.25 12.06 -24.31
N GLU A 181 -1.30 12.88 -24.22
CA GLU A 181 -2.45 12.51 -23.40
C GLU A 181 -3.03 11.18 -23.85
N ALA A 182 -3.07 10.97 -25.16
CA ALA A 182 -3.60 9.72 -25.70
C ALA A 182 -2.77 8.53 -25.24
N ALA A 183 -1.45 8.70 -25.07
CA ALA A 183 -0.63 7.60 -24.59
C ALA A 183 -0.97 7.25 -23.15
N TRP A 184 -1.02 8.24 -22.26
CA TRP A 184 -1.38 7.92 -20.88
C TRP A 184 -2.80 7.41 -20.77
N GLU A 185 -3.72 7.95 -21.57
CA GLU A 185 -5.11 7.47 -21.56
C GLU A 185 -5.19 6.02 -22.04
N PHE A 186 -4.48 5.70 -23.12
CA PHE A 186 -4.40 4.30 -23.56
C PHE A 186 -3.94 3.38 -22.44
N LEU A 187 -2.83 3.75 -21.77
CA LEU A 187 -2.27 2.89 -20.72
C LEU A 187 -3.28 2.68 -19.58
N ASN A 188 -3.95 3.76 -19.18
CA ASN A 188 -4.91 3.67 -18.09
C ASN A 188 -6.08 2.77 -18.45
N LYS A 189 -6.59 2.88 -19.68
CA LYS A 189 -7.72 2.08 -20.12
C LYS A 189 -7.37 0.62 -20.39
N ASN A 190 -6.09 0.27 -20.51
CA ASN A 190 -5.66 -1.07 -20.90
C ASN A 190 -4.70 -1.68 -19.90
N LYS A 191 -4.72 -1.20 -18.65
CA LYS A 191 -3.80 -1.63 -17.62
C LYS A 191 -3.75 -3.15 -17.48
N ASP A 192 -4.89 -3.80 -17.63
CA ASP A 192 -4.99 -5.24 -17.43
C ASP A 192 -4.96 -6.03 -18.72
N THR A 193 -5.00 -5.34 -19.86
CA THR A 193 -5.00 -5.97 -21.18
C THR A 193 -3.61 -6.07 -21.80
N VAL A 194 -2.71 -5.13 -21.47
CA VAL A 194 -1.37 -5.10 -22.02
C VAL A 194 -0.37 -5.09 -20.89
N LYS A 195 0.79 -5.67 -21.17
CA LYS A 195 1.89 -5.88 -20.24
C LYS A 195 2.79 -4.64 -20.08
N PHE A 196 2.90 -3.81 -21.12
CA PHE A 196 4.05 -2.88 -21.18
C PHE A 196 3.93 -1.76 -20.13
N LYS A 197 5.10 -1.27 -19.70
CA LYS A 197 5.22 -0.05 -18.91
C LYS A 197 5.55 1.10 -19.85
N LEU A 198 5.09 2.31 -19.51
CA LEU A 198 5.16 3.47 -20.38
C LEU A 198 5.94 4.59 -19.69
N ALA A 199 6.83 5.23 -20.42
CA ALA A 199 7.44 6.50 -20.02
C ALA A 199 7.41 7.42 -21.24
N THR A 200 7.49 8.74 -21.00
CA THR A 200 7.60 9.68 -22.11
C THR A 200 8.84 10.56 -21.93
N VAL A 201 9.48 10.92 -23.05
CA VAL A 201 10.64 11.79 -23.05
C VAL A 201 10.21 13.07 -23.76
N ASP A 202 10.25 14.20 -23.03
CA ASP A 202 9.57 15.44 -23.45
C ASP A 202 10.62 16.53 -23.60
N PRO A 203 11.24 16.66 -24.76
CA PRO A 203 12.35 17.63 -24.91
C PRO A 203 11.90 19.07 -25.23
N VAL A 204 12.74 20.00 -24.77
CA VAL A 204 12.66 21.39 -25.21
C VAL A 204 13.32 21.48 -26.58
N TYR A 205 13.74 22.69 -26.99
CA TYR A 205 14.37 22.84 -28.29
C TYR A 205 15.63 21.97 -28.38
N VAL A 206 15.73 21.19 -29.45
CA VAL A 206 16.79 20.17 -29.56
C VAL A 206 17.98 20.74 -30.31
N PHE A 207 19.15 20.72 -29.67
CA PHE A 207 20.42 21.11 -30.27
C PHE A 207 21.28 19.86 -30.39
N GLY A 208 22.37 19.97 -31.16
CA GLY A 208 23.42 18.98 -31.10
C GLY A 208 23.93 18.55 -32.47
N PRO A 209 25.00 17.76 -32.47
CA PRO A 209 25.59 17.32 -33.74
C PRO A 209 24.75 16.24 -34.42
N GLN A 210 24.80 16.24 -35.74
CA GLN A 210 24.17 15.16 -36.51
C GLN A 210 24.84 13.83 -36.20
N ASN A 211 24.05 12.76 -36.16
CA ASN A 211 24.65 11.44 -36.03
C ASN A 211 25.59 11.15 -37.19
N HIS A 212 25.25 11.66 -38.37
CA HIS A 212 26.01 11.34 -39.57
C HIS A 212 25.95 12.52 -40.52
N ILE A 213 27.07 12.81 -41.17
CA ILE A 213 27.15 13.80 -42.23
C ILE A 213 27.74 13.14 -43.45
N GLU A 214 27.10 13.31 -44.60
CA GLU A 214 27.64 12.77 -45.83
C GLU A 214 28.44 13.89 -46.41
N PRO A 215 29.67 13.57 -46.80
CA PRO A 215 30.49 14.70 -47.23
C PRO A 215 30.38 15.10 -48.70
N GLY A 216 30.95 16.26 -49.03
CA GLY A 216 30.99 16.71 -50.40
C GLY A 216 29.89 17.68 -50.80
N LYS A 217 28.72 17.60 -50.16
CA LYS A 217 27.58 18.44 -50.53
C LYS A 217 27.96 19.91 -50.53
N VAL A 219 25.96 22.43 -50.08
CA VAL A 219 25.32 22.99 -48.89
C VAL A 219 25.05 21.89 -47.89
N LEU A 220 25.47 22.12 -46.66
CA LEU A 220 25.32 21.15 -45.59
C LEU A 220 23.92 21.25 -44.99
N ASN A 221 23.24 20.11 -44.87
CA ASN A 221 21.92 20.07 -44.24
C ASN A 221 22.13 19.70 -42.78
N VAL A 222 21.47 20.43 -41.88
CA VAL A 222 21.62 20.24 -40.44
C VAL A 222 20.23 20.12 -39.83
N SER A 223 20.10 19.25 -38.83
CA SER A 223 18.76 18.91 -38.34
C SER A 223 18.22 19.85 -37.27
N SER A 224 19.07 20.66 -36.65
CA SER A 224 18.60 21.69 -35.74
C SER A 224 19.06 23.02 -36.30
N GLU A 225 18.12 23.93 -36.50
CA GLU A 225 18.30 25.00 -37.46
C GLU A 225 19.09 26.16 -36.89
N VAL A 226 18.80 26.56 -35.66
CA VAL A 226 19.16 27.92 -35.20
C VAL A 226 20.67 28.10 -35.10
N ILE A 227 21.40 27.08 -34.65
CA ILE A 227 22.84 27.28 -34.50
C ILE A 227 23.49 27.42 -35.86
N ASN A 228 23.12 26.56 -36.82
CA ASN A 228 23.66 26.67 -38.17
C ASN A 228 23.26 27.99 -38.82
N GLN A 229 22.05 28.46 -38.53
CA GLN A 229 21.63 29.76 -39.05
C GLN A 229 22.57 30.88 -38.57
N LEU A 230 22.79 30.97 -37.26
CA LEU A 230 23.60 32.05 -36.70
C LEU A 230 25.03 31.99 -37.21
N VAL A 231 25.59 30.79 -37.30
CA VAL A 231 26.94 30.58 -37.83
C VAL A 231 27.12 31.15 -39.23
N HIS A 232 26.06 31.15 -40.03
CA HIS A 232 26.15 31.61 -41.41
C HIS A 232 25.62 33.02 -41.61
N LEU A 233 25.07 33.66 -40.58
CA LEU A 233 24.65 35.04 -40.75
C LEU A 233 25.88 35.96 -40.82
N LYS A 234 25.74 37.05 -41.57
CA LYS A 234 26.80 38.05 -41.62
C LYS A 234 26.64 39.04 -40.47
N LYS A 235 27.69 39.85 -40.27
CA LYS A 235 27.77 40.77 -39.12
C LYS A 235 26.52 41.62 -38.95
N ASP A 236 26.08 42.26 -40.02
CA ASP A 236 24.96 43.20 -39.97
C ASP A 236 23.61 42.56 -40.30
N ASP A 237 23.52 41.22 -40.40
CA ASP A 237 22.23 40.61 -40.71
C ASP A 237 21.28 40.70 -39.52
N PRO A 238 19.99 40.95 -39.76
CA PRO A 238 19.02 40.97 -38.66
C PRO A 238 18.90 39.61 -37.98
N LEU A 239 18.58 39.65 -36.70
CA LEU A 239 18.66 38.42 -35.91
C LEU A 239 17.31 37.74 -35.87
N PRO A 240 17.30 36.40 -35.91
CA PRO A 240 16.07 35.68 -35.59
C PRO A 240 15.74 35.82 -34.11
N GLN A 241 14.49 35.49 -33.78
CA GLN A 241 13.98 35.56 -32.42
C GLN A 241 13.53 34.17 -32.02
N VAL A 242 14.29 33.56 -31.11
CA VAL A 242 14.08 32.16 -30.72
C VAL A 242 14.42 32.09 -29.24
N ALA A 243 13.49 31.62 -28.43
CA ALA A 243 13.76 31.50 -27.00
C ALA A 243 13.03 30.28 -26.47
N CYS A 244 13.74 29.39 -25.81
CA CYS A 244 13.14 28.19 -25.23
C CYS A 244 14.15 27.62 -24.25
N GLY A 245 13.88 26.44 -23.73
CA GLY A 245 14.95 25.65 -23.16
C GLY A 245 15.72 24.97 -24.27
N TYR A 246 16.95 24.53 -23.97
CA TYR A 246 17.71 23.73 -24.90
C TYR A 246 18.11 22.41 -24.26
N ILE A 247 18.33 21.41 -25.12
CA ILE A 247 18.79 20.09 -24.68
C ILE A 247 19.56 19.47 -25.82
N ASP A 248 20.65 18.77 -25.51
CA ASP A 248 21.42 18.10 -26.53
C ASP A 248 20.72 16.82 -26.99
N VAL A 249 20.72 16.59 -28.31
CA VAL A 249 20.08 15.42 -28.90
C VAL A 249 20.62 14.12 -28.32
N ARG A 250 21.91 14.08 -27.98
CA ARG A 250 22.48 12.84 -27.46
C ARG A 250 21.97 12.52 -26.07
N ASP A 251 21.66 13.55 -25.27
CA ASP A 251 21.08 13.32 -23.94
C ASP A 251 19.65 12.82 -24.07
N ILE A 252 18.90 13.34 -25.04
CA ILE A 252 17.56 12.83 -25.32
C ILE A 252 17.62 11.35 -25.66
N ALA A 253 18.55 11.00 -26.55
CA ALA A 253 18.69 9.60 -26.95
C ALA A 253 19.02 8.71 -25.76
N LYS A 254 20.01 9.13 -24.95
CA LYS A 254 20.38 8.37 -23.76
C LYS A 254 19.19 8.24 -22.80
N ALA A 255 18.38 9.29 -22.67
CA ALA A 255 17.24 9.22 -21.78
C ALA A 255 16.20 8.20 -22.27
N HIS A 256 15.93 8.17 -23.58
CA HIS A 256 15.02 7.15 -24.10
C HIS A 256 15.49 5.75 -23.71
N ILE A 257 16.78 5.51 -23.77
CA ILE A 257 17.29 4.15 -23.53
C ILE A 257 17.20 3.82 -22.05
N LEU A 258 17.58 4.74 -21.18
CA LEU A 258 17.39 4.51 -19.75
C LEU A 258 15.92 4.32 -19.43
N ALA A 259 15.03 5.03 -20.15
CA ALA A 259 13.62 4.96 -19.84
C ALA A 259 12.98 3.60 -20.12
N PHE A 260 13.65 2.72 -20.88
CA PHE A 260 13.18 1.33 -20.93
C PHE A 260 14.02 0.38 -20.09
N GLN A 261 15.27 0.76 -19.76
CA GLN A 261 16.15 -0.13 -18.99
C GLN A 261 15.88 -0.05 -17.49
N LYS A 262 15.61 1.15 -16.97
CA LYS A 262 15.62 1.45 -15.54
C LYS A 262 14.20 1.47 -14.97
N ASP A 263 13.98 0.71 -13.90
CA ASP A 263 12.62 0.64 -13.39
C ASP A 263 12.20 1.93 -12.67
N GLU A 264 13.15 2.74 -12.22
CA GLU A 264 12.75 4.00 -11.58
C GLU A 264 12.17 5.00 -12.57
N LEU A 265 12.31 4.77 -13.87
CA LEU A 265 11.74 5.67 -14.87
C LEU A 265 10.32 5.27 -15.30
N ILE A 266 9.84 4.10 -14.84
CA ILE A 266 8.50 3.64 -15.21
C ILE A 266 7.44 4.68 -14.85
N GLY A 267 6.52 4.90 -15.78
CA GLY A 267 5.38 5.78 -15.56
C GLY A 267 5.71 7.24 -15.38
N GLN A 268 6.90 7.69 -15.80
CA GLN A 268 7.33 9.07 -15.61
C GLN A 268 7.29 9.84 -16.93
N ARG A 269 6.91 11.11 -16.84
CA ARG A 269 7.17 12.11 -17.88
C ARG A 269 8.54 12.72 -17.58
N LEU A 270 9.44 12.65 -18.56
CA LEU A 270 10.83 13.10 -18.36
C LEU A 270 11.02 14.39 -19.15
N LEU A 271 11.29 15.47 -18.43
CA LEU A 271 11.41 16.78 -19.05
C LEU A 271 12.87 16.94 -19.46
N LEU A 272 13.14 16.83 -20.77
CA LEU A 272 14.51 16.86 -21.27
C LEU A 272 14.91 18.31 -21.56
N HIS A 273 15.61 18.91 -20.61
CA HIS A 273 15.88 20.36 -20.57
C HIS A 273 17.17 20.58 -19.80
N SER A 274 18.11 21.31 -20.39
CA SER A 274 19.39 21.61 -19.75
C SER A 274 19.52 23.06 -19.30
N GLY A 275 18.98 24.01 -20.05
CA GLY A 275 19.04 25.42 -19.67
C GLY A 275 18.23 26.23 -20.63
N LEU A 276 18.09 27.53 -20.33
CA LEU A 276 17.30 28.44 -21.15
C LEU A 276 18.21 29.22 -22.10
N PHE A 277 17.66 29.63 -23.25
CA PHE A 277 18.42 30.46 -24.17
C PHE A 277 17.50 31.44 -24.87
N THR A 278 18.09 32.53 -25.34
CA THR A 278 17.60 33.35 -26.43
C THR A 278 18.68 33.37 -27.49
N VAL A 279 18.39 34.01 -28.62
CA VAL A 279 19.42 34.08 -29.64
C VAL A 279 20.66 34.80 -29.10
N GLN A 280 20.47 35.77 -28.21
CA GLN A 280 21.63 36.43 -27.61
C GLN A 280 22.53 35.44 -26.89
N THR A 281 21.94 34.55 -26.09
CA THR A 281 22.68 33.51 -25.40
C THR A 281 23.57 32.72 -26.35
N LEU A 282 23.01 32.33 -27.51
CA LEU A 282 23.74 31.54 -28.49
C LEU A 282 24.87 32.34 -29.11
N LEU A 283 24.59 33.59 -29.52
CA LEU A 283 25.62 34.46 -30.08
C LEU A 283 26.76 34.66 -29.09
N ASP A 284 26.44 34.95 -27.83
CA ASP A 284 27.48 35.10 -26.82
C ASP A 284 28.37 33.87 -26.75
N ALA A 285 27.77 32.69 -26.68
CA ALA A 285 28.49 31.43 -26.59
C ALA A 285 29.30 31.13 -27.84
N ILE A 286 28.69 31.27 -29.02
CA ILE A 286 29.43 30.99 -30.25
C ILE A 286 30.61 31.94 -30.43
N ASN A 287 30.42 33.21 -30.15
CA ASN A 287 31.50 34.17 -30.34
C ASN A 287 32.65 33.88 -29.37
N GLU A 288 32.32 33.44 -28.19
CA GLU A 288 33.33 33.13 -27.18
C GLU A 288 34.13 31.89 -27.48
N GLN A 289 33.47 30.87 -28.00
CA GLN A 289 34.15 29.61 -28.22
C GLN A 289 34.79 29.48 -29.59
N PHE A 290 34.42 30.32 -30.56
CA PHE A 290 34.98 30.25 -31.90
C PHE A 290 35.56 31.60 -32.29
N PRO A 291 36.80 31.87 -31.86
CA PRO A 291 37.49 33.09 -32.30
C PRO A 291 37.43 33.31 -33.79
N GLU A 292 37.48 32.25 -34.60
CA GLU A 292 37.44 32.41 -36.05
C GLU A 292 36.15 33.04 -36.54
N LEU A 293 35.08 33.03 -35.73
CA LEU A 293 33.81 33.61 -36.16
C LEU A 293 33.58 35.03 -35.64
N ARG A 294 34.33 35.48 -34.63
CA ARG A 294 34.15 36.86 -34.14
C ARG A 294 34.33 37.87 -35.26
N GLY A 295 33.42 38.82 -35.35
CA GLY A 295 33.46 39.80 -36.42
C GLY A 295 32.94 39.29 -37.75
N LYS A 296 32.76 37.99 -37.89
CA LYS A 296 32.13 37.43 -39.10
C LYS A 296 30.63 37.20 -38.90
N ILE A 297 30.22 36.70 -37.74
CA ILE A 297 28.81 36.51 -37.40
C ILE A 297 28.32 37.69 -36.58
N PRO A 298 27.02 37.86 -36.35
CA PRO A 298 26.56 38.97 -35.50
C PRO A 298 27.07 38.86 -34.07
N ALA A 299 27.27 40.02 -33.46
CA ALA A 299 27.51 40.10 -32.03
C ALA A 299 26.22 40.26 -31.25
N GLY A 300 25.18 40.79 -31.88
CA GLY A 300 23.98 41.06 -31.13
C GLY A 300 24.18 42.20 -30.15
N GLU A 301 23.44 42.14 -29.04
CA GLU A 301 23.47 43.14 -27.97
C GLU A 301 23.80 42.44 -26.67
N PRO A 302 25.09 42.24 -26.39
CA PRO A 302 25.49 41.40 -25.27
C PRO A 302 24.99 41.97 -23.96
N GLY A 303 24.36 41.11 -23.14
CA GLY A 303 23.67 41.47 -21.92
C GLY A 303 22.19 41.74 -22.08
N SER A 304 21.72 42.00 -23.30
CA SER A 304 20.29 42.18 -23.51
C SER A 304 19.63 40.81 -23.65
N ASN A 305 18.31 40.80 -23.55
CA ASN A 305 17.49 39.62 -23.87
C ASN A 305 17.98 38.36 -23.14
N LYS A 306 18.08 38.49 -21.82
CA LYS A 306 18.36 37.36 -20.96
C LYS A 306 17.12 36.45 -20.90
N PRO A 307 17.28 35.15 -21.08
CA PRO A 307 16.07 34.29 -21.12
C PRO A 307 15.34 34.23 -19.78
N GLU A 308 16.05 34.32 -18.67
CA GLU A 308 15.46 34.40 -17.34
C GLU A 308 14.46 35.55 -17.21
N ASP A 309 14.63 36.59 -18.01
CA ASP A 309 13.75 37.76 -17.99
C ASP A 309 12.54 37.61 -18.88
N LEU A 310 12.45 36.51 -19.63
CA LEU A 310 11.41 36.32 -20.61
C LEU A 310 10.60 35.05 -20.38
N LEU A 311 11.25 33.93 -20.10
CA LEU A 311 10.66 32.60 -20.19
C LEU A 311 10.13 32.14 -18.84
N THR A 312 9.03 31.37 -18.87
CA THR A 312 8.59 30.67 -17.68
C THR A 312 9.69 29.74 -17.20
N PRO A 313 10.08 29.80 -15.92
CA PRO A 313 11.10 28.90 -15.40
C PRO A 313 10.70 27.43 -15.54
N ILE A 314 11.70 26.59 -15.76
CA ILE A 314 11.50 25.15 -15.86
C ILE A 314 12.29 24.47 -14.74
N ASP A 315 11.58 23.74 -13.88
CA ASP A 315 12.19 22.94 -12.82
C ASP A 315 12.01 21.46 -13.17
N ASN A 316 13.05 20.84 -13.69
CA ASN A 316 13.02 19.41 -13.99
C ASN A 316 13.98 18.66 -13.07
N THR A 317 14.01 19.08 -11.79
CA THR A 317 14.77 18.36 -10.77
C THR A 317 14.46 16.85 -10.74
N LYS A 318 13.17 16.49 -10.79
CA LYS A 318 12.78 15.07 -10.82
C LYS A 318 13.50 14.33 -11.95
N THR A 319 13.37 14.85 -13.17
CA THR A 319 13.98 14.19 -14.33
C THR A 319 15.49 14.05 -14.16
N LYS A 320 16.17 15.11 -13.71
CA LYS A 320 17.61 15.03 -13.55
C LYS A 320 18.01 14.04 -12.44
N LYS A 321 17.28 14.02 -11.33
CA LYS A 321 17.57 13.03 -10.27
C LYS A 321 17.36 11.60 -10.78
N LEU A 322 16.26 11.36 -11.50
CA LEU A 322 15.94 10.00 -11.92
C LEU A 322 16.89 9.51 -13.00
N LEU A 323 17.22 10.37 -13.97
CA LEU A 323 18.12 9.93 -15.05
C LEU A 323 19.53 9.69 -14.53
N GLY A 324 19.96 10.47 -13.55
CA GLY A 324 21.22 10.22 -12.88
C GLY A 324 22.47 10.49 -13.69
N PHE A 325 22.37 11.23 -14.80
CA PHE A 325 23.57 11.67 -15.51
C PHE A 325 23.45 13.16 -15.77
N GLU A 326 24.60 13.81 -15.92
CA GLU A 326 24.62 15.26 -16.11
C GLU A 326 24.37 15.61 -17.57
N PHE A 327 23.36 16.46 -17.83
CA PHE A 327 23.12 16.96 -19.18
C PHE A 327 24.29 17.81 -19.66
N ARG A 328 24.58 17.72 -20.94
CA ARG A 328 25.55 18.62 -21.55
C ARG A 328 25.09 20.08 -21.40
N ASP A 329 26.02 20.96 -21.05
CA ASP A 329 25.68 22.37 -20.92
C ASP A 329 25.84 23.07 -22.27
N LEU A 330 25.48 24.36 -22.31
CA LEU A 330 25.45 25.07 -23.58
C LEU A 330 26.83 25.13 -24.22
N LYS A 331 27.88 25.33 -23.42
CA LYS A 331 29.23 25.42 -23.97
C LYS A 331 29.61 24.14 -24.74
N THR A 332 29.32 22.98 -24.15
CA THR A 332 29.61 21.70 -24.80
C THR A 332 28.79 21.54 -26.08
N ILE A 333 27.51 21.90 -26.02
CA ILE A 333 26.64 21.77 -27.19
C ILE A 333 27.14 22.63 -28.33
N ILE A 334 27.47 23.90 -28.02
CA ILE A 334 27.96 24.81 -29.05
C ILE A 334 29.29 24.33 -29.62
N GLN A 335 30.19 23.84 -28.78
CA GLN A 335 31.49 23.37 -29.26
C GLN A 335 31.33 22.20 -30.22
N ASP A 336 30.52 21.22 -29.83
CA ASP A 336 30.33 20.04 -30.66
C ASP A 336 29.56 20.38 -31.93
N THR A 337 28.48 21.13 -31.81
CA THR A 337 27.64 21.43 -32.96
C THR A 337 28.37 22.31 -33.96
N VAL A 338 28.99 23.39 -33.49
CA VAL A 338 29.62 24.31 -34.42
C VAL A 338 30.87 23.67 -35.03
N SER A 339 31.63 22.91 -34.24
CA SER A 339 32.83 22.34 -34.82
C SER A 339 32.48 21.28 -35.87
N GLN A 340 31.39 20.53 -35.65
CA GLN A 340 30.93 19.62 -36.69
C GLN A 340 30.57 20.36 -37.96
N ILE A 341 29.89 21.50 -37.85
CA ILE A 341 29.51 22.27 -39.04
C ILE A 341 30.76 22.79 -39.74
N LEU A 342 31.67 23.41 -38.98
CA LEU A 342 32.83 24.02 -39.61
C LEU A 342 33.73 22.96 -40.26
N GLU A 343 33.90 21.81 -39.60
CA GLU A 343 34.74 20.76 -40.16
C GLU A 343 34.13 20.18 -41.42
N ALA A 344 32.80 20.02 -41.43
CA ALA A 344 32.12 19.47 -42.61
C ALA A 344 32.26 20.40 -43.79
N GLU A 345 32.09 21.70 -43.59
CA GLU A 345 32.27 22.65 -44.69
C GLU A 345 33.72 22.73 -45.12
N ASN A 346 34.65 22.59 -44.18
CA ASN A 346 36.06 22.48 -44.52
C ASN A 346 36.31 21.29 -45.44
N ALA A 347 35.74 20.13 -45.10
CA ALA A 347 36.00 18.94 -45.88
C ALA A 347 35.36 19.01 -47.27
N SER A 348 34.20 19.67 -47.40
CA SER A 348 33.56 19.77 -48.71
C SER A 348 34.21 20.81 -49.61
N ASN B 5 7.16 30.17 7.00
CA ASN B 5 6.44 28.94 7.31
C ASN B 5 5.35 29.18 8.33
N ASN B 6 5.46 30.24 9.14
CA ASN B 6 4.45 30.43 10.15
C ASN B 6 3.15 30.97 9.58
N ASN B 7 3.18 31.47 8.34
CA ASN B 7 1.97 31.84 7.64
C ASN B 7 1.36 30.66 6.88
N THR B 8 1.91 29.46 7.02
CA THR B 8 1.37 28.26 6.38
C THR B 8 0.75 27.36 7.43
N THR B 9 -0.53 27.09 7.31
CA THR B 9 -1.22 26.14 8.19
C THR B 9 -1.23 24.77 7.53
N VAL B 10 -0.68 23.78 8.23
CA VAL B 10 -0.68 22.37 7.82
C VAL B 10 -1.68 21.61 8.68
N PHE B 11 -2.61 20.92 8.04
CA PHE B 11 -3.55 20.06 8.75
C PHE B 11 -3.06 18.61 8.71
N VAL B 12 -2.99 17.98 9.89
CA VAL B 12 -2.50 16.60 10.03
C VAL B 12 -3.57 15.78 10.71
N SER B 13 -4.22 14.88 9.96
CA SER B 13 -5.18 13.97 10.55
C SER B 13 -4.46 12.89 11.37
N GLY B 14 -5.14 12.41 12.42
CA GLY B 14 -4.61 11.37 13.29
C GLY B 14 -3.40 11.79 14.08
N ALA B 15 -3.49 12.98 14.68
CA ALA B 15 -2.30 13.67 15.19
C ALA B 15 -1.62 12.94 16.34
N SER B 16 -2.30 12.01 17.01
CA SER B 16 -1.66 11.29 18.10
C SER B 16 -0.92 10.03 17.63
N GLY B 17 -0.99 9.70 16.34
CA GLY B 17 -0.37 8.48 15.86
C GLY B 17 1.14 8.50 15.94
N PHE B 18 1.71 7.28 15.80
CA PHE B 18 3.15 7.09 15.84
C PHE B 18 3.86 7.94 14.80
N ILE B 19 3.44 7.83 13.53
CA ILE B 19 4.03 8.63 12.46
C ILE B 19 3.66 10.10 12.62
N ALA B 20 2.39 10.38 12.89
CA ALA B 20 1.91 11.76 12.90
C ALA B 20 2.62 12.59 13.95
N GLN B 21 2.92 12.02 15.12
CA GLN B 21 3.60 12.81 16.14
C GLN B 21 4.97 13.27 15.68
N HIS B 22 5.70 12.40 14.97
CA HIS B 22 7.01 12.82 14.47
C HIS B 22 6.87 13.85 13.36
N ILE B 23 5.86 13.68 12.50
CA ILE B 23 5.56 14.72 11.50
C ILE B 23 5.34 16.06 12.18
N ILE B 24 4.46 16.09 13.19
CA ILE B 24 4.07 17.35 13.81
C ILE B 24 5.26 17.97 14.55
N ARG B 25 6.02 17.15 15.26
CA ARG B 25 7.27 17.62 15.88
C ARG B 25 8.16 18.31 14.86
N GLN B 26 8.36 17.66 13.70
CA GLN B 26 9.25 18.23 12.70
C GLN B 26 8.66 19.50 12.08
N LEU B 27 7.35 19.50 11.84
CA LEU B 27 6.69 20.71 11.34
C LEU B 27 6.82 21.87 12.32
N LEU B 28 6.60 21.62 13.61
CA LEU B 28 6.70 22.68 14.59
C LEU B 28 8.12 23.21 14.67
N ASP B 29 9.12 22.32 14.59
CA ASP B 29 10.51 22.73 14.54
C ASP B 29 10.84 23.61 13.33
N GLN B 30 10.03 23.55 12.27
CA GLN B 30 10.18 24.43 11.11
C GLN B 30 9.23 25.61 11.17
N ASN B 31 8.56 25.82 12.30
CA ASN B 31 7.69 26.96 12.59
C ASN B 31 6.43 27.00 11.75
N TYR B 32 5.96 25.86 11.25
CA TYR B 32 4.63 25.80 10.69
C TYR B 32 3.59 25.91 11.79
N LYS B 33 2.46 26.52 11.44
CA LYS B 33 1.21 26.39 12.18
C LYS B 33 0.58 25.03 11.86
N VAL B 34 0.16 24.30 12.89
CA VAL B 34 -0.34 22.94 12.71
C VAL B 34 -1.71 22.81 13.37
N ILE B 35 -2.68 22.28 12.64
CA ILE B 35 -3.93 21.79 13.19
C ILE B 35 -3.97 20.28 13.05
N GLY B 36 -4.10 19.57 14.16
CA GLY B 36 -4.18 18.12 14.16
C GLY B 36 -5.61 17.69 14.42
N SER B 37 -5.97 16.49 13.95
CA SER B 37 -7.25 15.92 14.34
C SER B 37 -7.01 14.79 15.34
N VAL B 38 -7.87 14.73 16.35
CA VAL B 38 -7.78 13.75 17.42
C VAL B 38 -9.20 13.29 17.72
N ARG B 39 -9.31 12.16 18.40
CA ARG B 39 -10.66 11.63 18.60
C ARG B 39 -11.30 12.12 19.89
N SER B 40 -10.59 12.86 20.73
CA SER B 40 -11.19 13.33 21.97
C SER B 40 -10.48 14.58 22.45
N THR B 41 -11.20 15.38 23.23
CA THR B 41 -10.58 16.55 23.85
C THR B 41 -9.40 16.16 24.73
N GLU B 42 -9.53 15.06 25.47
CA GLU B 42 -8.43 14.66 26.35
C GLU B 42 -7.19 14.33 25.53
N LYS B 43 -7.36 13.58 24.45
CA LYS B 43 -6.23 13.31 23.56
C LYS B 43 -5.60 14.60 23.03
N GLY B 44 -6.44 15.55 22.61
CA GLY B 44 -5.91 16.82 22.13
C GLY B 44 -5.17 17.60 23.19
N ASP B 45 -5.79 17.76 24.37
CA ASP B 45 -5.14 18.49 25.45
C ASP B 45 -3.83 17.84 25.86
N ASN B 46 -3.77 16.51 25.87
CA ASN B 46 -2.50 15.89 26.22
C ASN B 46 -1.45 16.16 25.16
N LEU B 47 -1.82 16.04 23.88
CA LEU B 47 -0.90 16.39 22.81
C LEU B 47 -0.44 17.83 22.94
N LYS B 48 -1.38 18.76 23.09
CA LYS B 48 -1.01 20.16 23.04
C LYS B 48 -0.13 20.52 24.23
N ASN B 49 -0.52 20.10 25.43
CA ASN B 49 0.10 20.63 26.62
C ASN B 49 1.11 19.68 27.28
N ALA B 50 1.10 18.38 26.95
CA ALA B 50 2.11 17.47 27.48
C ALA B 50 3.21 17.14 26.49
N ILE B 51 2.93 17.12 25.19
CA ILE B 51 3.80 16.50 24.21
C ILE B 51 4.45 17.54 23.30
N PHE B 52 3.64 18.34 22.62
CA PHE B 52 4.21 19.29 21.68
C PHE B 52 4.60 20.59 22.36
N LYS B 53 3.72 21.14 23.20
CA LYS B 53 4.01 22.30 24.04
C LYS B 53 4.28 23.55 23.20
N SER B 54 3.34 23.86 22.30
CA SER B 54 3.55 24.90 21.32
C SER B 54 2.28 25.68 21.05
N ALA B 55 2.40 27.01 21.03
CA ALA B 55 1.31 27.84 20.54
C ALA B 55 1.03 27.61 19.07
N ASN B 56 1.92 26.93 18.35
CA ASN B 56 1.71 26.67 16.94
C ASN B 56 0.94 25.38 16.67
N PHE B 57 0.52 24.66 17.71
CA PHE B 57 -0.28 23.45 17.54
C PHE B 57 -1.67 23.65 18.10
N ASN B 58 -2.68 23.38 17.27
CA ASN B 58 -4.08 23.37 17.69
C ASN B 58 -4.72 22.07 17.19
N TYR B 59 -5.91 21.76 17.69
CA TYR B 59 -6.53 20.50 17.33
C TYR B 59 -8.04 20.63 17.16
N GLU B 60 -8.58 19.76 16.31
CA GLU B 60 -10.01 19.58 16.12
C GLU B 60 -10.35 18.12 16.38
N ILE B 61 -11.57 17.87 16.85
CA ILE B 61 -12.01 16.50 17.15
C ILE B 61 -12.67 15.91 15.89
N VAL B 62 -12.13 14.79 15.43
CA VAL B 62 -12.71 14.00 14.34
C VAL B 62 -12.67 12.55 14.82
N LYS B 63 -13.84 11.98 15.12
CA LYS B 63 -13.86 10.67 15.80
C LYS B 63 -13.73 9.51 14.84
N ASP B 64 -14.50 9.49 13.74
CA ASP B 64 -14.63 8.28 12.93
C ASP B 64 -14.43 8.62 11.45
N ILE B 65 -13.23 8.32 10.92
CA ILE B 65 -12.95 8.67 9.53
C ILE B 65 -13.58 7.70 8.54
N ALA B 66 -14.22 6.63 9.02
CA ALA B 66 -15.03 5.82 8.10
C ALA B 66 -16.24 6.59 7.63
N ASP B 67 -16.65 7.63 8.37
CA ASP B 67 -17.75 8.50 7.98
C ASP B 67 -17.26 9.46 6.91
N LEU B 68 -17.92 9.42 5.74
CA LEU B 68 -17.47 10.22 4.60
C LEU B 68 -17.46 11.72 4.89
N ASN B 69 -18.32 12.19 5.80
CA ASN B 69 -18.39 13.61 6.11
C ASN B 69 -17.56 14.00 7.33
N ALA B 70 -16.66 13.13 7.79
CA ALA B 70 -16.00 13.34 9.08
C ALA B 70 -15.14 14.61 9.12
N PHE B 71 -14.55 15.00 7.99
CA PHE B 71 -13.69 16.18 7.97
C PHE B 71 -14.41 17.43 7.43
N ASP B 72 -15.71 17.33 7.15
CA ASP B 72 -16.46 18.50 6.70
C ASP B 72 -16.39 19.66 7.69
N PRO B 73 -16.64 19.48 9.00
CA PRO B 73 -16.54 20.64 9.92
C PRO B 73 -15.18 21.29 9.93
N VAL B 74 -14.10 20.51 9.88
CA VAL B 74 -12.76 21.09 9.90
C VAL B 74 -12.54 22.00 8.70
N PHE B 75 -12.96 21.55 7.51
CA PHE B 75 -12.64 22.33 6.33
C PHE B 75 -13.64 23.44 6.07
N GLU B 76 -14.86 23.35 6.60
CA GLU B 76 -15.71 24.53 6.60
C GLU B 76 -15.13 25.61 7.50
N LYS B 77 -14.59 25.22 8.67
CA LYS B 77 -14.08 26.20 9.63
C LYS B 77 -12.77 26.80 9.14
N HIS B 78 -11.85 25.96 8.67
CA HIS B 78 -10.49 26.37 8.32
C HIS B 78 -10.21 26.36 6.82
N GLY B 79 -11.24 26.23 5.97
CA GLY B 79 -11.00 25.96 4.56
C GLY B 79 -10.32 27.07 3.80
N LYS B 80 -10.31 28.29 4.35
CA LYS B 80 -9.56 29.40 3.77
C LYS B 80 -8.12 29.45 4.22
N ASP B 81 -7.74 28.67 5.23
CA ASP B 81 -6.44 28.74 5.88
C ASP B 81 -5.55 27.54 5.60
N ILE B 82 -6.11 26.35 5.38
CA ILE B 82 -5.30 25.14 5.29
C ILE B 82 -4.70 25.05 3.89
N LYS B 83 -3.38 25.17 3.82
CA LYS B 83 -2.67 25.04 2.56
C LYS B 83 -2.07 23.66 2.33
N VAL B 84 -1.89 22.86 3.37
CA VAL B 84 -1.27 21.54 3.27
C VAL B 84 -2.06 20.55 4.11
N VAL B 85 -2.37 19.39 3.53
CA VAL B 85 -3.12 18.34 4.24
C VAL B 85 -2.25 17.09 4.22
N LEU B 86 -1.79 16.68 5.42
CA LEU B 86 -1.05 15.44 5.62
C LEU B 86 -2.00 14.44 6.26
N HIS B 87 -2.56 13.56 5.44
CA HIS B 87 -3.64 12.66 5.84
C HIS B 87 -3.03 11.34 6.27
N THR B 88 -2.80 11.20 7.59
CA THR B 88 -2.18 9.99 8.16
C THR B 88 -3.19 9.10 8.86
N ALA B 89 -4.41 9.56 9.08
CA ALA B 89 -5.37 8.77 9.86
C ALA B 89 -5.91 7.60 9.05
N SER B 90 -6.03 6.45 9.72
CA SER B 90 -6.62 5.21 9.23
C SER B 90 -7.82 4.83 10.07
N PRO B 91 -8.76 4.07 9.54
CA PRO B 91 -9.86 3.59 10.37
C PRO B 91 -9.33 2.63 11.44
N LEU B 92 -10.15 2.39 12.45
CA LEU B 92 -9.78 1.40 13.46
C LEU B 92 -9.68 0.02 12.81
N ASN B 93 -8.61 -0.69 13.12
CA ASN B 93 -8.40 -2.05 12.62
C ASN B 93 -8.78 -3.03 13.72
N PHE B 94 -9.86 -3.78 13.50
CA PHE B 94 -10.39 -4.67 14.52
C PHE B 94 -10.71 -6.03 13.91
N THR B 95 -10.74 -7.05 14.77
CA THR B 95 -11.07 -8.40 14.34
C THR B 95 -12.47 -8.45 13.77
N THR B 96 -12.62 -9.10 12.62
CA THR B 96 -13.91 -9.21 11.94
C THR B 96 -13.85 -10.38 10.98
N THR B 97 -15.02 -10.86 10.58
CA THR B 97 -15.12 -11.78 9.45
C THR B 97 -15.84 -11.15 8.26
N GLU B 98 -16.29 -9.90 8.39
CA GLU B 98 -17.04 -9.20 7.36
C GLU B 98 -16.09 -8.17 6.75
N TYR B 99 -15.24 -8.64 5.84
CA TYR B 99 -14.09 -7.84 5.44
C TYR B 99 -14.49 -6.67 4.57
N GLU B 100 -15.49 -6.84 3.70
CA GLU B 100 -15.93 -5.72 2.90
C GLU B 100 -16.52 -4.62 3.77
N LYS B 101 -17.48 -4.97 4.63
CA LYS B 101 -18.18 -3.96 5.42
C LYS B 101 -17.27 -3.34 6.49
N ASP B 102 -16.36 -4.13 7.08
CA ASP B 102 -15.65 -3.69 8.27
C ASP B 102 -14.24 -3.18 7.99
N LEU B 103 -13.66 -3.51 6.83
CA LEU B 103 -12.29 -3.16 6.51
C LEU B 103 -12.18 -2.44 5.18
N LEU B 104 -12.70 -3.04 4.11
CA LEU B 104 -12.51 -2.50 2.77
C LEU B 104 -13.24 -1.17 2.60
N ILE B 105 -14.55 -1.17 2.82
CA ILE B 105 -15.32 0.06 2.62
C ILE B 105 -14.86 1.16 3.58
N PRO B 106 -14.68 0.92 4.89
CA PRO B 106 -14.15 1.99 5.75
C PRO B 106 -12.83 2.56 5.27
N ALA B 107 -11.93 1.73 4.72
CA ALA B 107 -10.63 2.23 4.26
C ALA B 107 -10.78 3.15 3.06
N VAL B 108 -11.61 2.75 2.09
CA VAL B 108 -11.87 3.59 0.92
C VAL B 108 -12.47 4.92 1.36
N ASN B 109 -13.50 4.88 2.20
CA ASN B 109 -14.13 6.10 2.69
C ASN B 109 -13.19 6.94 3.54
N GLY B 110 -12.27 6.30 4.26
CA GLY B 110 -11.30 7.06 5.05
C GLY B 110 -10.33 7.87 4.22
N THR B 111 -10.18 7.51 2.93
CA THR B 111 -9.46 8.32 1.95
C THR B 111 -10.38 9.30 1.23
N LYS B 112 -11.52 8.81 0.71
CA LYS B 112 -12.38 9.65 -0.12
C LYS B 112 -12.95 10.84 0.65
N GLY B 113 -13.25 10.64 1.94
CA GLY B 113 -13.99 11.63 2.70
C GLY B 113 -13.25 12.94 2.78
N ILE B 114 -12.02 12.91 3.31
CA ILE B 114 -11.28 14.16 3.46
C ILE B 114 -11.05 14.81 2.11
N LEU B 115 -10.87 14.01 1.05
CA LEU B 115 -10.64 14.61 -0.26
C LEU B 115 -11.90 15.32 -0.76
N GLU B 116 -13.08 14.75 -0.48
CA GLU B 116 -14.31 15.42 -0.86
C GLU B 116 -14.54 16.67 -0.01
N SER B 117 -14.10 16.64 1.25
CA SER B 117 -14.19 17.84 2.09
C SER B 117 -13.35 18.98 1.51
N ILE B 118 -12.14 18.66 1.00
CA ILE B 118 -11.31 19.69 0.37
C ILE B 118 -11.98 20.23 -0.87
N LYS B 119 -12.46 19.35 -1.75
CA LYS B 119 -13.18 19.78 -2.95
C LYS B 119 -14.33 20.71 -2.60
N LYS B 120 -15.10 20.38 -1.56
CA LYS B 120 -16.30 21.13 -1.22
C LYS B 120 -15.98 22.49 -0.60
N TYR B 121 -15.03 22.53 0.33
CA TYR B 121 -14.82 23.73 1.15
C TYR B 121 -13.45 24.38 0.96
N ALA B 122 -12.53 23.76 0.25
CA ALA B 122 -11.18 24.33 0.16
C ALA B 122 -10.54 24.07 -1.19
N ALA B 123 -11.34 24.01 -2.26
CA ALA B 123 -10.85 23.49 -3.54
C ALA B 123 -9.72 24.33 -4.10
N GLN B 124 -9.76 25.65 -3.92
CA GLN B 124 -8.69 26.49 -4.45
C GLN B 124 -7.75 27.00 -3.36
N THR B 125 -7.85 26.46 -2.14
CA THR B 125 -6.94 26.83 -1.06
C THR B 125 -5.87 25.77 -0.80
N VAL B 126 -6.26 24.51 -0.66
CA VAL B 126 -5.27 23.47 -0.39
C VAL B 126 -4.34 23.32 -1.59
N GLU B 127 -3.04 23.43 -1.35
CA GLU B 127 -2.05 23.34 -2.41
C GLU B 127 -1.43 21.96 -2.55
N ARG B 128 -1.31 21.23 -1.45
CA ARG B 128 -0.58 19.96 -1.43
C ARG B 128 -1.28 19.02 -0.46
N VAL B 129 -1.47 17.78 -0.91
CA VAL B 129 -1.96 16.67 -0.09
C VAL B 129 -0.93 15.56 -0.13
N VAL B 130 -0.62 15.00 1.04
CA VAL B 130 0.16 13.77 1.15
C VAL B 130 -0.69 12.78 1.92
N VAL B 131 -0.95 11.61 1.32
CA VAL B 131 -1.71 10.57 2.00
C VAL B 131 -0.74 9.51 2.48
N THR B 132 -0.84 9.15 3.76
CA THR B 132 -0.08 8.03 4.29
C THR B 132 -0.71 6.73 3.78
N SER B 133 0.09 5.93 3.10
CA SER B 133 -0.41 4.66 2.57
C SER B 133 0.35 3.50 3.19
N SER B 134 0.75 2.54 2.37
CA SER B 134 1.41 1.35 2.89
C SER B 134 2.13 0.63 1.76
N PHE B 135 3.21 -0.05 2.11
CA PHE B 135 3.78 -1.11 1.26
C PHE B 135 2.72 -2.06 0.73
N ALA B 136 1.63 -2.27 1.50
CA ALA B 136 0.55 -3.15 1.11
C ALA B 136 -0.17 -2.71 -0.15
N SER B 137 -0.05 -1.44 -0.55
CA SER B 137 -0.62 -1.02 -1.82
C SER B 137 0.22 -1.48 -3.01
N HIS B 138 1.47 -1.90 -2.75
CA HIS B 138 2.42 -2.31 -3.77
C HIS B 138 2.50 -3.82 -3.96
N THR B 139 2.07 -4.62 -2.97
CA THR B 139 2.08 -6.08 -3.11
C THR B 139 1.02 -6.72 -2.23
N SER B 140 0.37 -7.77 -2.73
CA SER B 140 -0.42 -8.63 -1.86
C SER B 140 0.49 -9.39 -0.89
N THR B 141 -0.11 -9.96 0.15
CA THR B 141 0.64 -10.86 1.03
C THR B 141 1.14 -12.07 0.25
N VAL B 142 0.34 -12.54 -0.72
CA VAL B 142 0.72 -13.73 -1.48
C VAL B 142 1.88 -13.48 -2.42
N ASP B 143 2.29 -12.23 -2.60
CA ASP B 143 3.37 -11.88 -3.53
C ASP B 143 4.59 -11.32 -2.82
N MET B 144 4.64 -11.43 -1.50
CA MET B 144 5.72 -10.90 -0.67
C MET B 144 6.91 -11.83 -0.54
N CYS B 145 6.77 -13.09 -0.96
CA CYS B 145 7.78 -14.10 -0.66
C CYS B 145 8.27 -14.77 -1.93
N ASN B 146 8.53 -13.97 -2.95
CA ASN B 146 8.98 -14.44 -4.27
C ASN B 146 10.36 -13.84 -4.50
N THR B 147 11.41 -14.58 -4.15
CA THR B 147 12.76 -14.05 -4.26
C THR B 147 13.19 -13.77 -5.70
N LYS B 148 12.45 -14.25 -6.69
CA LYS B 148 12.75 -13.94 -8.08
C LYS B 148 12.00 -12.72 -8.59
N GLY B 149 11.12 -12.13 -7.78
CA GLY B 149 10.35 -10.98 -8.20
C GLY B 149 11.03 -9.67 -7.84
N LYS B 150 10.29 -8.58 -7.97
CA LYS B 150 10.78 -7.27 -7.56
C LYS B 150 9.60 -6.35 -7.36
N ILE B 151 9.62 -5.59 -6.26
CA ILE B 151 8.58 -4.62 -5.93
C ILE B 151 9.18 -3.22 -6.07
N THR B 152 8.50 -2.36 -6.84
CA THR B 152 8.93 -0.99 -7.04
C THR B 152 7.76 -0.05 -6.72
N GLU B 153 8.04 1.25 -6.82
CA GLU B 153 7.02 2.26 -6.58
C GLU B 153 5.84 2.12 -7.53
N ASP B 154 6.06 1.52 -8.70
CA ASP B 154 5.02 1.32 -9.70
C ASP B 154 4.30 -0.03 -9.59
N SER B 155 4.77 -0.92 -8.72
CA SER B 155 4.03 -2.14 -8.43
C SER B 155 2.75 -1.84 -7.66
N TRP B 156 1.69 -2.57 -8.00
CA TRP B 156 0.41 -2.54 -7.31
C TRP B 156 0.08 -3.93 -6.79
N ASN B 157 -0.40 -3.99 -5.54
CA ASN B 157 -1.05 -5.17 -4.99
C ASN B 157 -2.02 -5.74 -6.02
N GLN B 158 -1.80 -6.98 -6.44
CA GLN B 158 -2.56 -7.54 -7.56
C GLN B 158 -3.91 -8.11 -7.16
N ASP B 159 -4.24 -8.14 -5.86
CA ASP B 159 -5.50 -8.72 -5.42
C ASP B 159 -6.68 -7.90 -5.89
N THR B 160 -7.78 -8.59 -6.21
CA THR B 160 -9.04 -7.91 -6.44
C THR B 160 -9.76 -7.66 -5.11
N TRP B 161 -10.81 -6.84 -5.19
CA TRP B 161 -11.71 -6.61 -4.06
C TRP B 161 -12.20 -7.91 -3.44
N GLU B 162 -12.49 -8.89 -4.28
CA GLU B 162 -13.02 -10.16 -3.82
C GLU B 162 -11.95 -11.09 -3.25
N ASN B 163 -10.81 -11.21 -3.93
CA ASN B 163 -9.92 -12.27 -3.48
C ASN B 163 -8.94 -11.82 -2.41
N CYS B 164 -8.92 -10.52 -2.06
CA CYS B 164 -8.17 -10.17 -0.86
C CYS B 164 -8.88 -10.59 0.42
N GLN B 165 -10.13 -11.04 0.33
CA GLN B 165 -10.96 -11.28 1.50
C GLN B 165 -10.81 -12.70 2.06
N THR B 166 -9.74 -13.42 1.70
CA THR B 166 -9.57 -14.78 2.18
C THR B 166 -9.11 -14.86 3.64
N ASP B 167 -8.53 -13.80 4.18
CA ASP B 167 -8.02 -13.82 5.55
C ASP B 167 -7.75 -12.40 6.01
N ALA B 168 -7.63 -12.22 7.33
CA ALA B 168 -7.59 -10.89 7.93
C ALA B 168 -6.42 -10.05 7.39
N VAL B 169 -5.23 -10.64 7.32
CA VAL B 169 -4.06 -9.84 6.96
C VAL B 169 -4.11 -9.49 5.48
N ARG B 170 -4.52 -10.45 4.64
CA ARG B 170 -4.64 -10.16 3.21
C ARG B 170 -5.73 -9.11 2.95
N ALA B 171 -6.83 -9.17 3.70
CA ALA B 171 -7.89 -8.18 3.56
C ALA B 171 -7.41 -6.81 4.03
N TYR B 172 -6.61 -6.77 5.09
CA TYR B 172 -6.03 -5.50 5.54
C TYR B 172 -5.12 -4.93 4.45
N PHE B 173 -4.27 -5.78 3.85
CA PHE B 173 -3.42 -5.33 2.74
C PHE B 173 -4.29 -4.79 1.60
N GLY B 174 -5.38 -5.48 1.31
CA GLY B 174 -6.29 -5.01 0.29
C GLY B 174 -6.90 -3.68 0.63
N SER B 175 -7.25 -3.47 1.91
CA SER B 175 -7.82 -2.19 2.31
C SER B 175 -6.84 -1.05 2.03
N LYS B 176 -5.53 -1.28 2.24
CA LYS B 176 -4.56 -0.23 1.95
C LYS B 176 -4.44 0.01 0.45
N LYS B 177 -4.48 -1.06 -0.35
CA LYS B 177 -4.50 -0.89 -1.80
C LYS B 177 -5.64 0.00 -2.25
N PHE B 178 -6.87 -0.33 -1.83
CA PHE B 178 -8.03 0.37 -2.38
C PHE B 178 -8.19 1.77 -1.79
N ALA B 179 -7.74 1.97 -0.56
CA ALA B 179 -7.65 3.32 -0.01
C ALA B 179 -6.75 4.21 -0.86
N GLU B 180 -5.56 3.71 -1.23
CA GLU B 180 -4.65 4.54 -2.02
C GLU B 180 -5.15 4.73 -3.45
N GLU B 181 -5.67 3.65 -4.05
CA GLU B 181 -6.32 3.74 -5.35
C GLU B 181 -7.37 4.85 -5.38
N ALA B 182 -8.19 4.91 -4.33
CA ALA B 182 -9.24 5.92 -4.27
C ALA B 182 -8.67 7.33 -4.29
N ALA B 183 -7.48 7.54 -3.73
CA ALA B 183 -6.88 8.88 -3.73
C ALA B 183 -6.42 9.27 -5.14
N TRP B 184 -5.70 8.37 -5.83
CA TRP B 184 -5.28 8.69 -7.19
C TRP B 184 -6.48 8.84 -8.13
N GLU B 185 -7.53 8.04 -7.91
CA GLU B 185 -8.72 8.15 -8.74
C GLU B 185 -9.47 9.45 -8.49
N PHE B 186 -9.53 9.88 -7.22
CA PHE B 186 -10.14 11.18 -6.91
C PHE B 186 -9.42 12.29 -7.67
N LEU B 187 -8.09 12.27 -7.64
CA LEU B 187 -7.31 13.33 -8.27
C LEU B 187 -7.54 13.36 -9.77
N ASN B 188 -7.59 12.18 -10.39
CA ASN B 188 -7.75 12.10 -11.85
C ASN B 188 -9.14 12.58 -12.26
N LYS B 189 -10.16 12.23 -11.47
CA LYS B 189 -11.52 12.70 -11.70
C LYS B 189 -11.67 14.20 -11.44
N ASN B 190 -10.75 14.82 -10.69
CA ASN B 190 -10.96 16.19 -10.24
C ASN B 190 -9.80 17.11 -10.58
N LYS B 191 -8.97 16.74 -11.57
CA LYS B 191 -7.73 17.46 -11.83
C LYS B 191 -7.96 18.91 -12.23
N ASP B 192 -9.15 19.22 -12.75
CA ASP B 192 -9.49 20.55 -13.20
C ASP B 192 -10.36 21.31 -12.21
N THR B 193 -10.78 20.68 -11.11
CA THR B 193 -11.62 21.38 -10.14
C THR B 193 -10.94 21.65 -8.80
N VAL B 194 -10.01 20.80 -8.36
CA VAL B 194 -9.20 21.08 -7.18
C VAL B 194 -7.81 21.45 -7.66
N LYS B 195 -7.17 22.34 -6.92
CA LYS B 195 -5.84 22.72 -7.34
C LYS B 195 -4.73 21.91 -6.67
N PHE B 196 -5.05 21.08 -5.68
CA PHE B 196 -3.96 20.45 -4.94
C PHE B 196 -3.23 19.40 -5.78
N LYS B 197 -1.93 19.28 -5.51
CA LYS B 197 -1.07 18.19 -5.96
C LYS B 197 -1.02 17.10 -4.89
N LEU B 198 -0.93 15.85 -5.34
CA LEU B 198 -0.96 14.70 -4.45
C LEU B 198 0.37 13.93 -4.50
N ALA B 199 0.82 13.47 -3.32
CA ALA B 199 1.83 12.41 -3.22
C ALA B 199 1.36 11.39 -2.18
N THR B 200 1.96 10.20 -2.21
CA THR B 200 1.65 9.21 -1.17
C THR B 200 2.95 8.69 -0.57
N VAL B 201 2.90 8.38 0.71
CA VAL B 201 4.07 7.86 1.42
C VAL B 201 3.68 6.46 1.86
N ASP B 202 4.40 5.47 1.35
CA ASP B 202 4.01 4.10 1.55
C ASP B 202 5.06 3.30 2.25
N PRO B 203 4.88 3.16 3.55
CA PRO B 203 5.91 2.50 4.32
C PRO B 203 5.82 1.00 4.55
N VAL B 204 6.98 0.37 4.67
CA VAL B 204 7.06 -1.02 5.09
C VAL B 204 6.85 -1.06 6.60
N TYR B 205 7.38 -2.07 7.29
CA TYR B 205 7.22 -2.17 8.75
C TYR B 205 7.93 -0.99 9.42
N VAL B 206 7.21 -0.29 10.31
CA VAL B 206 7.71 0.95 10.90
C VAL B 206 8.41 0.66 12.23
N PHE B 207 9.70 0.97 12.32
CA PHE B 207 10.47 0.90 13.55
C PHE B 207 10.74 2.31 14.04
N GLY B 208 11.30 2.42 15.25
CA GLY B 208 11.88 3.68 15.67
C GLY B 208 11.40 4.17 17.03
N PRO B 209 12.07 5.19 17.54
CA PRO B 209 11.71 5.72 18.86
C PRO B 209 10.39 6.48 18.82
N GLN B 210 9.65 6.38 19.93
CA GLN B 210 8.48 7.22 20.17
C GLN B 210 8.86 8.69 20.16
N ASN B 211 7.95 9.53 19.67
CA ASN B 211 8.20 10.97 19.78
C ASN B 211 8.22 11.41 21.24
N HIS B 212 7.41 10.79 22.10
CA HIS B 212 7.28 11.22 23.48
C HIS B 212 7.09 10.02 24.39
N ILE B 213 7.81 10.00 25.51
CA ILE B 213 7.69 8.98 26.54
C ILE B 213 7.25 9.64 27.83
N GLU B 214 6.18 9.13 28.44
CA GLU B 214 5.65 9.66 29.70
C GLU B 214 6.17 8.89 30.90
N LYS B 218 4.41 3.09 34.18
CA LYS B 218 3.92 1.74 34.48
C LYS B 218 4.60 0.71 33.59
N VAL B 219 3.81 -0.07 32.87
CA VAL B 219 4.35 -0.85 31.76
C VAL B 219 4.53 0.07 30.58
N LEU B 220 5.75 0.12 30.04
CA LEU B 220 6.08 1.08 29.00
C LEU B 220 5.43 0.65 27.69
N ASN B 221 4.65 1.55 27.09
CA ASN B 221 3.93 1.31 25.84
C ASN B 221 4.77 1.77 24.66
N VAL B 222 5.02 0.87 23.69
CA VAL B 222 5.88 1.14 22.55
C VAL B 222 5.07 0.96 21.26
N SER B 223 5.23 1.89 20.31
CA SER B 223 4.36 1.91 19.14
C SER B 223 4.74 0.85 18.11
N SER B 224 5.99 0.42 18.07
CA SER B 224 6.42 -0.63 17.16
C SER B 224 6.75 -1.88 17.97
N GLU B 225 6.02 -2.96 17.67
CA GLU B 225 5.90 -4.08 18.59
C GLU B 225 7.19 -4.88 18.71
N VAL B 226 7.78 -5.25 17.57
CA VAL B 226 8.61 -6.44 17.57
C VAL B 226 9.92 -6.21 18.31
N ILE B 227 10.48 -5.01 18.24
CA ILE B 227 11.74 -4.78 18.94
C ILE B 227 11.53 -4.83 20.46
N ASN B 228 10.50 -4.14 20.95
CA ASN B 228 10.21 -4.21 22.38
C ASN B 228 9.92 -5.64 22.83
N GLN B 229 9.16 -6.37 22.02
CA GLN B 229 8.89 -7.78 22.27
C GLN B 229 10.17 -8.58 22.49
N LEU B 230 11.09 -8.50 21.52
CA LEU B 230 12.31 -9.28 21.58
C LEU B 230 13.17 -8.90 22.78
N VAL B 231 13.25 -7.60 23.09
CA VAL B 231 13.99 -7.13 24.26
C VAL B 231 13.46 -7.76 25.54
N HIS B 232 12.17 -8.07 25.59
CA HIS B 232 11.54 -8.56 26.82
C HIS B 232 11.32 -10.06 26.82
N LEU B 233 11.87 -10.78 25.87
CA LEU B 233 11.75 -12.23 25.83
C LEU B 233 12.90 -12.88 26.58
N LYS B 234 12.61 -13.98 27.25
CA LYS B 234 13.65 -14.72 27.94
C LYS B 234 14.41 -15.60 26.97
N LYS B 235 15.60 -16.06 27.39
CA LYS B 235 16.49 -16.80 26.50
C LYS B 235 15.79 -17.97 25.82
N ASP B 236 14.85 -18.62 26.50
CA ASP B 236 14.27 -19.87 26.01
C ASP B 236 12.85 -19.73 25.48
N ASP B 237 12.34 -18.50 25.37
CA ASP B 237 11.00 -18.28 24.85
C ASP B 237 10.94 -18.61 23.36
N PRO B 238 9.79 -19.10 22.88
CA PRO B 238 9.65 -19.31 21.43
C PRO B 238 9.74 -17.98 20.69
N LEU B 239 10.34 -18.02 19.50
CA LEU B 239 10.52 -16.79 18.73
C LEU B 239 9.28 -16.51 17.89
N PRO B 240 8.85 -15.25 17.81
CA PRO B 240 7.85 -14.87 16.80
C PRO B 240 8.47 -14.94 15.42
N GLN B 241 7.58 -14.95 14.41
CA GLN B 241 8.02 -14.97 13.01
C GLN B 241 7.55 -13.69 12.32
N VAL B 242 8.50 -12.81 12.00
CA VAL B 242 8.21 -11.51 11.39
C VAL B 242 9.28 -11.26 10.32
N ALA B 243 8.85 -10.88 9.13
CA ALA B 243 9.76 -10.69 8.00
C ALA B 243 9.16 -9.66 7.07
N CYS B 244 9.92 -8.62 6.77
CA CYS B 244 9.43 -7.51 5.96
C CYS B 244 10.61 -6.57 5.70
N GLY B 245 10.35 -5.48 4.99
CA GLY B 245 11.25 -4.36 5.06
C GLY B 245 11.03 -3.54 6.32
N TYR B 246 12.08 -2.82 6.74
CA TYR B 246 11.98 -1.91 7.88
C TYR B 246 12.24 -0.49 7.41
N ILE B 247 11.73 0.48 8.18
CA ILE B 247 11.98 1.90 7.91
C ILE B 247 11.81 2.67 9.23
N ASP B 248 12.67 3.66 9.45
CA ASP B 248 12.56 4.44 10.68
C ASP B 248 11.41 5.42 10.58
N VAL B 249 10.62 5.51 11.67
CA VAL B 249 9.47 6.42 11.73
C VAL B 249 9.87 7.87 11.42
N ARG B 250 11.06 8.28 11.83
CA ARG B 250 11.48 9.67 11.61
C ARG B 250 11.75 9.95 10.15
N ASP B 251 12.24 8.94 9.41
CA ASP B 251 12.43 9.05 7.97
C ASP B 251 11.08 9.17 7.26
N ILE B 252 10.08 8.39 7.71
CA ILE B 252 8.74 8.49 7.17
C ILE B 252 8.22 9.91 7.34
N ALA B 253 8.39 10.45 8.56
CA ALA B 253 7.89 11.79 8.85
C ALA B 253 8.56 12.82 7.96
N LYS B 254 9.89 12.75 7.85
CA LYS B 254 10.61 13.67 6.98
C LYS B 254 10.16 13.57 5.52
N ALA B 255 9.86 12.35 5.07
CA ALA B 255 9.38 12.16 3.70
C ALA B 255 8.05 12.86 3.49
N HIS B 256 7.12 12.77 4.46
CA HIS B 256 5.84 13.45 4.32
C HIS B 256 6.03 14.95 4.13
N ILE B 257 6.99 15.52 4.86
CA ILE B 257 7.20 16.97 4.81
C ILE B 257 7.83 17.38 3.49
N LEU B 258 8.86 16.66 3.06
CA LEU B 258 9.43 16.90 1.73
C LEU B 258 8.37 16.74 0.64
N ALA B 259 7.46 15.77 0.82
CA ALA B 259 6.47 15.49 -0.22
C ALA B 259 5.43 16.59 -0.37
N PHE B 260 5.38 17.59 0.52
CA PHE B 260 4.61 18.80 0.18
C PHE B 260 5.49 20.01 -0.11
N GLN B 261 6.74 20.00 0.31
CA GLN B 261 7.64 21.13 0.06
C GLN B 261 8.29 21.08 -1.32
N LYS B 262 8.57 19.90 -1.86
CA LYS B 262 9.43 19.72 -3.03
C LYS B 262 8.58 19.38 -4.25
N ASP B 263 8.71 20.18 -5.31
CA ASP B 263 7.91 19.90 -6.50
C ASP B 263 8.34 18.61 -7.21
N GLU B 264 9.58 18.16 -7.04
CA GLU B 264 9.94 16.91 -7.72
C GLU B 264 9.19 15.70 -7.16
N LEU B 265 8.52 15.84 -6.01
CA LEU B 265 7.75 14.77 -5.38
C LEU B 265 6.27 14.79 -5.76
N ILE B 266 5.82 15.81 -6.50
CA ILE B 266 4.44 15.83 -6.97
C ILE B 266 4.11 14.58 -7.78
N GLY B 267 2.94 14.00 -7.52
CA GLY B 267 2.45 12.88 -8.30
C GLY B 267 3.16 11.56 -8.07
N GLN B 268 3.87 11.39 -6.96
CA GLN B 268 4.72 10.23 -6.76
C GLN B 268 4.19 9.37 -5.62
N ARG B 269 4.29 8.05 -5.80
CA ARG B 269 4.18 7.06 -4.74
C ARG B 269 5.58 6.84 -4.20
N LEU B 270 5.79 7.07 -2.92
CA LEU B 270 7.13 7.01 -2.34
C LEU B 270 7.21 5.80 -1.42
N LEU B 271 8.14 4.90 -1.75
CA LEU B 271 8.23 3.61 -1.06
C LEU B 271 9.22 3.76 0.07
N LEU B 272 8.71 3.87 1.29
CA LEU B 272 9.53 4.17 2.47
C LEU B 272 10.06 2.85 3.02
N HIS B 273 11.26 2.50 2.60
CA HIS B 273 11.85 1.20 2.85
C HIS B 273 13.36 1.38 2.94
N SER B 274 13.97 0.85 3.98
CA SER B 274 15.41 0.99 4.19
C SER B 274 16.18 -0.32 4.01
N GLY B 275 15.65 -1.43 4.53
CA GLY B 275 16.28 -2.74 4.37
C GLY B 275 15.31 -3.82 4.77
N LEU B 276 15.73 -5.07 4.57
CA LEU B 276 14.93 -6.23 4.93
C LEU B 276 15.35 -6.80 6.29
N PHE B 277 14.43 -7.52 6.92
CA PHE B 277 14.71 -8.17 8.19
C PHE B 277 13.84 -9.42 8.36
N THR B 278 14.37 -10.37 9.11
CA THR B 278 13.61 -11.36 9.86
C THR B 278 13.90 -11.14 11.34
N VAL B 279 13.18 -11.86 12.20
CA VAL B 279 13.45 -11.79 13.63
C VAL B 279 14.92 -12.10 13.91
N GLN B 280 15.51 -13.03 13.14
CA GLN B 280 16.93 -13.35 13.36
C GLN B 280 17.81 -12.14 13.08
N THR B 281 17.50 -11.38 12.03
CA THR B 281 18.20 -10.11 11.76
C THR B 281 18.14 -9.20 12.98
N LEU B 282 16.98 -9.09 13.60
CA LEU B 282 16.79 -8.16 14.72
C LEU B 282 17.55 -8.65 15.95
N LEU B 283 17.42 -9.93 16.28
CA LEU B 283 18.15 -10.49 17.42
C LEU B 283 19.66 -10.36 17.22
N ASP B 284 20.16 -10.66 16.02
CA ASP B 284 21.58 -10.47 15.76
C ASP B 284 22.01 -9.04 16.05
N ALA B 285 21.24 -8.06 15.56
CA ALA B 285 21.61 -6.65 15.73
C ALA B 285 21.53 -6.22 17.19
N ILE B 286 20.46 -6.60 17.90
CA ILE B 286 20.32 -6.21 19.31
C ILE B 286 21.43 -6.81 20.15
N ASN B 287 21.69 -8.11 19.97
CA ASN B 287 22.75 -8.78 20.71
C ASN B 287 24.12 -8.16 20.42
N GLU B 288 24.40 -7.91 19.15
CA GLU B 288 25.66 -7.25 18.77
C GLU B 288 25.81 -5.89 19.46
N GLN B 289 24.76 -5.08 19.43
CA GLN B 289 24.85 -3.68 19.84
C GLN B 289 24.65 -3.46 21.34
N PHE B 290 24.02 -4.39 22.03
CA PHE B 290 23.74 -4.26 23.47
C PHE B 290 24.32 -5.47 24.20
N PRO B 291 25.62 -5.43 24.52
CA PRO B 291 26.22 -6.51 25.32
C PRO B 291 25.49 -6.82 26.61
N GLU B 292 24.90 -5.81 27.26
CA GLU B 292 24.19 -6.07 28.51
C GLU B 292 22.97 -6.96 28.32
N LEU B 293 22.46 -7.06 27.08
CA LEU B 293 21.34 -7.95 26.81
C LEU B 293 21.78 -9.35 26.39
N ARG B 294 23.04 -9.52 26.00
CA ARG B 294 23.56 -10.83 25.59
C ARG B 294 23.37 -11.86 26.70
N GLY B 295 22.73 -12.98 26.36
CA GLY B 295 22.40 -14.00 27.31
C GLY B 295 21.08 -13.78 28.01
N LYS B 296 20.59 -12.54 28.06
CA LYS B 296 19.28 -12.28 28.64
C LYS B 296 18.19 -12.59 27.64
N ILE B 297 18.31 -12.03 26.43
CA ILE B 297 17.30 -12.15 25.38
C ILE B 297 17.60 -13.38 24.55
N PRO B 298 16.68 -13.84 23.70
CA PRO B 298 16.99 -14.99 22.83
C PRO B 298 18.12 -14.70 21.86
N ALA B 299 18.85 -15.75 21.49
CA ALA B 299 19.89 -15.63 20.49
C ALA B 299 19.49 -16.21 19.14
N GLY B 300 18.47 -17.05 19.10
CA GLY B 300 18.05 -17.70 17.87
C GLY B 300 19.17 -18.57 17.31
N GLU B 301 19.32 -18.52 15.99
CA GLU B 301 20.42 -19.17 15.29
C GLU B 301 21.18 -18.10 14.51
N PRO B 302 22.17 -17.45 15.12
CA PRO B 302 22.81 -16.31 14.47
C PRO B 302 23.28 -16.65 13.07
N GLY B 303 23.10 -15.71 12.15
CA GLY B 303 23.44 -15.92 10.76
C GLY B 303 22.39 -16.60 9.92
N SER B 304 21.40 -17.26 10.52
CA SER B 304 20.42 -18.03 9.78
C SER B 304 19.19 -17.17 9.46
N ASN B 305 18.26 -17.76 8.71
CA ASN B 305 17.00 -17.15 8.27
C ASN B 305 17.23 -15.74 7.75
N LYS B 306 17.98 -15.68 6.68
CA LYS B 306 18.26 -14.35 6.14
C LYS B 306 17.07 -13.87 5.31
N PRO B 307 16.74 -12.57 5.39
CA PRO B 307 15.53 -12.09 4.70
C PRO B 307 15.60 -12.24 3.18
N GLU B 308 16.78 -12.08 2.62
CA GLU B 308 16.97 -12.21 1.18
C GLU B 308 16.63 -13.59 0.62
N ASP B 309 16.59 -14.59 1.48
CA ASP B 309 16.24 -15.92 1.06
C ASP B 309 14.75 -16.14 1.16
N LEU B 310 14.04 -15.15 1.68
CA LEU B 310 12.61 -15.32 1.90
C LEU B 310 11.75 -14.35 1.09
N LEU B 311 12.12 -13.07 1.07
CA LEU B 311 11.23 -11.98 0.70
C LEU B 311 11.40 -11.56 -0.75
N THR B 312 10.30 -11.13 -1.37
CA THR B 312 10.41 -10.43 -2.64
C THR B 312 11.29 -9.20 -2.48
N PRO B 313 12.33 -9.03 -3.30
CA PRO B 313 13.19 -7.84 -3.19
C PRO B 313 12.40 -6.56 -3.46
N ILE B 314 12.78 -5.50 -2.75
CA ILE B 314 12.18 -4.18 -2.91
C ILE B 314 13.22 -3.25 -3.49
N ASP B 315 12.94 -2.68 -4.66
CA ASP B 315 13.81 -1.70 -5.33
C ASP B 315 13.10 -0.35 -5.28
N ASN B 316 13.49 0.50 -4.33
CA ASN B 316 12.92 1.84 -4.24
C ASN B 316 13.96 2.91 -4.61
N THR B 317 14.71 2.64 -5.69
CA THR B 317 15.69 3.58 -6.21
C THR B 317 15.08 4.96 -6.45
N LYS B 318 13.89 4.99 -7.07
CA LYS B 318 13.23 6.25 -7.40
C LYS B 318 13.00 7.05 -6.13
N THR B 319 12.43 6.41 -5.11
CA THR B 319 12.12 7.13 -3.87
C THR B 319 13.37 7.71 -3.23
N LYS B 320 14.44 6.91 -3.15
CA LYS B 320 15.67 7.42 -2.55
C LYS B 320 16.29 8.53 -3.39
N LYS B 321 16.23 8.41 -4.72
CA LYS B 321 16.75 9.48 -5.56
C LYS B 321 15.97 10.77 -5.33
N LEU B 322 14.64 10.68 -5.31
CA LEU B 322 13.83 11.89 -5.22
C LEU B 322 13.88 12.50 -3.82
N LEU B 323 13.87 11.67 -2.77
CA LEU B 323 13.92 12.23 -1.41
C LEU B 323 15.26 12.87 -1.11
N GLY B 324 16.34 12.30 -1.63
CA GLY B 324 17.64 12.95 -1.51
C GLY B 324 18.29 12.91 -0.15
N PHE B 325 17.78 12.12 0.79
CA PHE B 325 18.47 11.93 2.06
C PHE B 325 18.61 10.44 2.34
N GLU B 326 19.66 10.09 3.08
CA GLU B 326 19.94 8.68 3.37
C GLU B 326 19.06 8.20 4.52
N PHE B 327 18.39 7.07 4.32
CA PHE B 327 17.57 6.48 5.37
C PHE B 327 18.45 5.88 6.45
N ARG B 328 17.95 5.91 7.68
CA ARG B 328 18.65 5.27 8.80
C ARG B 328 18.76 3.77 8.57
N ASP B 329 19.95 3.23 8.82
CA ASP B 329 20.10 1.80 8.69
C ASP B 329 19.66 1.08 9.96
N LEU B 330 19.66 -0.24 9.90
CA LEU B 330 19.15 -1.04 11.02
C LEU B 330 19.94 -0.79 12.30
N LYS B 331 21.28 -0.68 12.19
CA LYS B 331 22.10 -0.40 13.36
C LYS B 331 21.63 0.86 14.09
N THR B 332 21.39 1.93 13.33
CA THR B 332 20.94 3.18 13.95
C THR B 332 19.59 3.00 14.62
N ILE B 333 18.66 2.35 13.92
CA ILE B 333 17.30 2.16 14.43
C ILE B 333 17.33 1.35 15.72
N ILE B 334 18.10 0.25 15.72
CA ILE B 334 18.17 -0.60 16.91
C ILE B 334 18.78 0.18 18.07
N GLN B 335 19.88 0.91 17.80
CA GLN B 335 20.50 1.73 18.83
C GLN B 335 19.51 2.73 19.43
N ASP B 336 18.81 3.48 18.57
CA ASP B 336 17.88 4.50 19.06
C ASP B 336 16.68 3.89 19.74
N THR B 337 16.14 2.81 19.19
CA THR B 337 14.90 2.23 19.72
C THR B 337 15.16 1.51 21.05
N VAL B 338 16.15 0.63 21.08
CA VAL B 338 16.42 -0.12 22.30
C VAL B 338 16.88 0.81 23.43
N SER B 339 17.74 1.78 23.12
CA SER B 339 18.22 2.66 24.19
C SER B 339 17.08 3.50 24.77
N GLN B 340 16.13 3.95 23.94
CA GLN B 340 14.95 4.63 24.47
C GLN B 340 14.17 3.73 25.42
N ILE B 341 13.96 2.48 25.02
CA ILE B 341 13.24 1.53 25.86
C ILE B 341 13.93 1.35 27.20
N LEU B 342 15.24 1.05 27.17
CA LEU B 342 15.98 0.75 28.40
C LEU B 342 16.03 1.97 29.34
N GLU B 343 16.30 3.16 28.79
CA GLU B 343 16.27 4.36 29.62
C GLU B 343 14.89 4.58 30.21
N ALA B 344 13.84 4.42 29.41
CA ALA B 344 12.49 4.63 29.90
C ALA B 344 12.13 3.67 31.01
N GLU B 345 12.61 2.42 30.92
CA GLU B 345 12.28 1.44 31.95
C GLU B 345 12.99 1.75 33.26
N ASN B 346 14.24 2.25 33.18
CA ASN B 346 14.93 2.79 34.34
C ASN B 346 14.06 3.83 35.05
N ALA B 347 13.79 4.94 34.37
CA ALA B 347 12.91 5.99 34.89
C ALA B 347 11.49 5.47 35.10
N ALA C 4 -40.60 -28.61 29.90
CA ALA C 4 -40.18 -27.79 31.03
C ALA C 4 -39.14 -26.76 30.63
N ASN C 5 -38.49 -26.96 29.47
CA ASN C 5 -37.51 -26.01 28.96
C ASN C 5 -38.15 -24.68 28.59
N ASN C 6 -39.41 -24.71 28.14
CA ASN C 6 -40.11 -23.48 27.78
C ASN C 6 -40.21 -22.51 28.96
N ASN C 7 -40.10 -23.00 30.18
CA ASN C 7 -40.25 -22.16 31.37
C ASN C 7 -38.93 -21.60 31.87
N THR C 8 -37.81 -21.97 31.27
CA THR C 8 -36.51 -21.45 31.67
C THR C 8 -35.98 -20.52 30.59
N THR C 9 -35.59 -19.34 31.02
CA THR C 9 -35.08 -18.28 30.16
C THR C 9 -33.55 -18.37 30.14
N VAL C 10 -32.99 -18.70 28.97
CA VAL C 10 -31.54 -18.70 28.78
C VAL C 10 -31.14 -17.39 28.12
N PHE C 11 -30.30 -16.61 28.81
CA PHE C 11 -29.71 -15.41 28.22
C PHE C 11 -28.34 -15.74 27.63
N VAL C 12 -28.22 -15.57 26.31
CA VAL C 12 -26.96 -15.80 25.60
C VAL C 12 -26.46 -14.45 25.12
N SER C 13 -25.44 -13.93 25.76
CA SER C 13 -24.78 -12.73 25.30
C SER C 13 -23.95 -13.01 24.04
N GLY C 14 -23.72 -11.96 23.25
CA GLY C 14 -23.02 -12.09 21.98
C GLY C 14 -23.66 -13.03 21.00
N ALA C 15 -24.98 -12.88 20.79
CA ALA C 15 -25.75 -13.89 20.09
C ALA C 15 -25.39 -14.05 18.62
N SER C 16 -24.82 -13.00 17.99
CA SER C 16 -24.46 -13.10 16.58
C SER C 16 -23.25 -14.00 16.35
N GLY C 17 -22.50 -14.29 17.41
CA GLY C 17 -21.20 -14.92 17.28
C GLY C 17 -21.23 -16.30 16.67
N PHE C 18 -20.03 -16.75 16.32
CA PHE C 18 -19.85 -18.05 15.68
C PHE C 18 -20.30 -19.17 16.63
N ILE C 19 -19.83 -19.11 17.88
CA ILE C 19 -20.23 -20.13 18.86
C ILE C 19 -21.68 -19.91 19.27
N ALA C 20 -22.04 -18.67 19.61
CA ALA C 20 -23.34 -18.39 20.20
C ALA C 20 -24.48 -18.78 19.27
N GLN C 21 -24.29 -18.61 17.95
CA GLN C 21 -25.35 -19.00 17.01
C GLN C 21 -25.60 -20.49 17.04
N HIS C 22 -24.54 -21.30 17.12
CA HIS C 22 -24.73 -22.74 17.30
C HIS C 22 -25.32 -23.07 18.66
N ILE C 23 -24.96 -22.30 19.69
CA ILE C 23 -25.58 -22.50 21.00
C ILE C 23 -27.08 -22.25 20.92
N ILE C 24 -27.48 -21.14 20.31
CA ILE C 24 -28.89 -20.79 20.24
C ILE C 24 -29.67 -21.79 19.41
N ARG C 25 -29.10 -22.23 18.28
CA ARG C 25 -29.77 -23.25 17.47
C ARG C 25 -30.05 -24.52 18.27
N GLN C 26 -29.09 -24.94 19.08
CA GLN C 26 -29.26 -26.16 19.88
C GLN C 26 -30.17 -25.92 21.09
N LEU C 27 -30.13 -24.72 21.67
CA LEU C 27 -31.09 -24.35 22.70
C LEU C 27 -32.51 -24.32 22.13
N LEU C 28 -32.66 -23.72 20.95
CA LEU C 28 -33.96 -23.65 20.30
C LEU C 28 -34.47 -25.04 19.96
N ASP C 29 -33.59 -25.89 19.45
CA ASP C 29 -33.92 -27.28 19.17
C ASP C 29 -34.37 -28.02 20.42
N GLN C 30 -34.17 -27.44 21.61
CA GLN C 30 -34.59 -28.02 22.86
C GLN C 30 -35.69 -27.22 23.54
N ASN C 31 -36.39 -26.38 22.76
CA ASN C 31 -37.55 -25.62 23.22
C ASN C 31 -37.22 -24.71 24.40
N TYR C 32 -36.00 -24.20 24.43
CA TYR C 32 -35.65 -23.24 25.47
C TYR C 32 -36.16 -21.85 25.09
N LYS C 33 -36.28 -20.99 26.10
CA LYS C 33 -36.60 -19.59 25.91
C LYS C 33 -35.30 -18.81 25.87
N VAL C 34 -34.96 -18.25 24.71
CA VAL C 34 -33.65 -17.63 24.49
C VAL C 34 -33.82 -16.13 24.30
N ILE C 35 -33.10 -15.36 25.10
CA ILE C 35 -32.86 -13.94 24.87
C ILE C 35 -31.37 -13.74 24.59
N GLY C 36 -31.06 -13.43 23.33
CA GLY C 36 -29.69 -13.20 22.90
C GLY C 36 -29.42 -11.71 22.74
N SER C 37 -28.28 -11.28 23.26
CA SER C 37 -27.89 -9.87 23.18
C SER C 37 -27.05 -9.61 21.94
N VAL C 38 -27.24 -8.41 21.35
CA VAL C 38 -26.60 -8.03 20.10
C VAL C 38 -26.15 -6.58 20.21
N ARG C 39 -25.43 -6.13 19.19
CA ARG C 39 -24.87 -4.79 19.18
C ARG C 39 -25.76 -3.78 18.45
N SER C 40 -26.71 -4.26 17.64
CA SER C 40 -27.54 -3.37 16.82
C SER C 40 -28.86 -4.06 16.50
N THR C 41 -29.82 -3.24 16.06
CA THR C 41 -31.13 -3.76 15.69
C THR C 41 -31.05 -4.63 14.45
N GLU C 42 -30.18 -4.28 13.50
CA GLU C 42 -30.08 -5.03 12.25
C GLU C 42 -29.68 -6.47 12.51
N LYS C 43 -28.58 -6.68 13.25
CA LYS C 43 -28.15 -8.04 13.59
C LYS C 43 -29.26 -8.80 14.29
N GLY C 44 -29.92 -8.16 15.25
CA GLY C 44 -31.03 -8.81 15.93
C GLY C 44 -32.13 -9.25 14.97
N ASP C 45 -32.59 -8.36 14.09
CA ASP C 45 -33.60 -8.73 13.13
C ASP C 45 -33.18 -9.88 12.26
N ASN C 46 -31.93 -9.86 11.81
CA ASN C 46 -31.45 -10.97 10.99
C ASN C 46 -31.51 -12.27 11.77
N LEU C 47 -31.17 -12.24 13.05
CA LEU C 47 -31.19 -13.46 13.87
C LEU C 47 -32.60 -14.02 13.97
N LYS C 48 -33.59 -13.15 14.24
CA LYS C 48 -34.98 -13.59 14.37
C LYS C 48 -35.57 -14.02 13.04
N ASN C 49 -35.40 -13.19 12.00
CA ASN C 49 -36.24 -13.29 10.83
C ASN C 49 -35.60 -14.09 9.71
N ALA C 50 -34.28 -14.09 9.62
CA ALA C 50 -33.57 -14.89 8.62
C ALA C 50 -33.02 -16.18 9.20
N ILE C 51 -32.53 -16.17 10.43
CA ILE C 51 -31.70 -17.28 10.91
C ILE C 51 -32.54 -18.17 11.83
N PHE C 52 -32.90 -17.67 13.01
CA PHE C 52 -33.69 -18.44 14.00
C PHE C 52 -35.17 -18.18 13.74
N LYS C 53 -35.78 -19.02 12.92
CA LYS C 53 -37.16 -18.78 12.47
C LYS C 53 -38.15 -19.37 13.47
N SER C 54 -38.07 -18.93 14.73
CA SER C 54 -38.91 -19.50 15.77
C SER C 54 -39.33 -18.43 16.78
N ALA C 55 -40.46 -18.69 17.43
CA ALA C 55 -40.99 -17.82 18.47
C ALA C 55 -40.15 -17.84 19.74
N ASN C 56 -39.36 -18.89 19.96
CA ASN C 56 -38.64 -19.03 21.22
C ASN C 56 -37.40 -18.14 21.33
N PHE C 57 -37.02 -17.45 20.26
CA PHE C 57 -35.88 -16.53 20.29
C PHE C 57 -36.34 -15.09 20.20
N ASN C 58 -35.71 -14.23 21.00
CA ASN C 58 -35.84 -12.78 20.92
C ASN C 58 -34.52 -12.16 21.34
N TYR C 59 -34.33 -10.87 21.04
CA TYR C 59 -33.04 -10.24 21.30
C TYR C 59 -33.19 -8.95 22.09
N GLU C 60 -32.08 -8.54 22.70
CA GLU C 60 -31.90 -7.26 23.36
C GLU C 60 -30.71 -6.58 22.71
N ILE C 61 -30.51 -5.29 23.00
CA ILE C 61 -29.39 -4.53 22.45
C ILE C 61 -28.42 -4.22 23.57
N VAL C 62 -27.18 -4.69 23.40
CA VAL C 62 -26.08 -4.41 24.32
C VAL C 62 -24.88 -4.08 23.45
N LYS C 63 -24.35 -2.87 23.57
CA LYS C 63 -23.37 -2.42 22.58
C LYS C 63 -21.95 -2.77 22.97
N ASP C 64 -21.53 -2.43 24.18
CA ASP C 64 -20.13 -2.48 24.59
C ASP C 64 -20.04 -3.18 25.93
N ILE C 65 -19.64 -4.45 25.94
CA ILE C 65 -19.54 -5.14 27.23
C ILE C 65 -18.31 -4.73 28.03
N ALA C 66 -17.47 -3.86 27.49
CA ALA C 66 -16.44 -3.22 28.32
C ALA C 66 -17.04 -2.21 29.27
N ASP C 67 -18.26 -1.75 29.01
CA ASP C 67 -19.02 -0.99 29.97
C ASP C 67 -19.69 -1.95 30.95
N LEU C 68 -19.37 -1.80 32.24
CA LEU C 68 -19.87 -2.74 33.25
C LEU C 68 -21.39 -2.76 33.32
N ASN C 69 -22.03 -1.65 32.98
CA ASN C 69 -23.47 -1.56 33.12
C ASN C 69 -24.20 -1.95 31.86
N ALA C 70 -23.49 -2.54 30.91
CA ALA C 70 -24.10 -2.86 29.63
C ALA C 70 -25.26 -3.84 29.77
N PHE C 71 -25.21 -4.70 30.79
CA PHE C 71 -26.24 -5.70 30.96
C PHE C 71 -27.26 -5.34 32.04
N ASP C 72 -26.98 -4.30 32.82
CA ASP C 72 -27.93 -3.80 33.80
C ASP C 72 -29.30 -3.54 33.20
N PRO C 73 -29.43 -2.81 32.08
CA PRO C 73 -30.73 -2.77 31.40
C PRO C 73 -31.32 -4.13 31.14
N VAL C 74 -30.53 -5.12 30.75
CA VAL C 74 -31.08 -6.43 30.41
C VAL C 74 -31.63 -7.12 31.66
N PHE C 75 -30.97 -6.93 32.81
CA PHE C 75 -31.35 -7.62 34.04
C PHE C 75 -32.21 -6.77 34.95
N GLU C 76 -31.98 -5.45 35.02
CA GLU C 76 -33.02 -4.60 35.59
C GLU C 76 -34.35 -4.84 34.89
N LYS C 77 -34.29 -5.25 33.66
CA LYS C 77 -35.52 -5.60 32.98
C LYS C 77 -35.96 -6.99 33.25
N HIS C 78 -35.23 -7.98 32.74
CA HIS C 78 -35.67 -9.38 32.83
C HIS C 78 -35.10 -10.14 34.01
N GLY C 79 -34.48 -9.42 34.94
CA GLY C 79 -33.80 -10.10 36.04
C GLY C 79 -34.62 -10.91 37.03
N LYS C 80 -35.91 -11.13 36.73
CA LYS C 80 -36.74 -12.03 37.51
C LYS C 80 -37.08 -13.29 36.74
N ASP C 81 -36.54 -13.46 35.53
CA ASP C 81 -36.93 -14.55 34.65
C ASP C 81 -35.76 -15.41 34.20
N ILE C 82 -34.57 -14.85 34.07
CA ILE C 82 -33.45 -15.56 33.46
C ILE C 82 -32.91 -16.55 34.49
N LYS C 83 -32.99 -17.84 34.16
CA LYS C 83 -32.44 -18.87 35.02
C LYS C 83 -31.01 -19.26 34.63
N VAL C 84 -30.66 -19.10 33.35
CA VAL C 84 -29.39 -19.56 32.79
C VAL C 84 -28.76 -18.43 32.00
N VAL C 85 -27.48 -18.15 32.27
CA VAL C 85 -26.71 -17.13 31.55
C VAL C 85 -25.53 -17.83 30.87
N LEU C 86 -25.54 -17.86 29.53
CA LEU C 86 -24.42 -18.34 28.72
C LEU C 86 -23.72 -17.11 28.13
N HIS C 87 -22.64 -16.70 28.78
CA HIS C 87 -21.89 -15.47 28.48
C HIS C 87 -20.78 -15.69 27.46
N THR C 88 -21.12 -15.60 26.17
CA THR C 88 -20.15 -15.83 25.11
C THR C 88 -19.51 -14.54 24.60
N ALA C 89 -20.00 -13.38 25.02
CA ALA C 89 -19.58 -12.12 24.43
C ALA C 89 -18.20 -11.70 24.90
N SER C 90 -17.42 -11.15 23.98
CA SER C 90 -16.07 -10.66 24.21
C SER C 90 -15.98 -9.20 23.79
N PRO C 91 -15.10 -8.41 24.41
CA PRO C 91 -14.92 -7.04 23.93
C PRO C 91 -14.35 -7.04 22.53
N LEU C 92 -14.60 -5.96 21.78
CA LEU C 92 -13.98 -5.81 20.49
C LEU C 92 -12.46 -5.88 20.61
N ASN C 93 -11.83 -6.64 19.71
CA ASN C 93 -10.38 -6.80 19.69
C ASN C 93 -9.80 -5.95 18.56
N PHE C 94 -9.03 -4.93 18.90
CA PHE C 94 -8.53 -3.98 17.91
C PHE C 94 -7.04 -3.71 18.12
N THR C 95 -6.39 -3.28 17.03
CA THR C 95 -4.97 -2.95 17.10
C THR C 95 -4.73 -1.80 18.07
N THR C 96 -3.79 -2.01 18.99
CA THR C 96 -3.45 -1.00 19.98
C THR C 96 -2.03 -1.22 20.45
N THR C 97 -1.47 -0.17 21.05
CA THR C 97 -0.22 -0.27 21.78
C THR C 97 -0.42 -0.08 23.28
N GLU C 98 -1.65 0.21 23.71
CA GLU C 98 -1.97 0.44 25.11
C GLU C 98 -2.74 -0.78 25.63
N TYR C 99 -1.99 -1.85 25.93
CA TYR C 99 -2.62 -3.14 26.17
C TYR C 99 -3.46 -3.16 27.43
N GLU C 100 -3.05 -2.42 28.47
CA GLU C 100 -3.83 -2.42 29.70
C GLU C 100 -5.15 -1.71 29.51
N LYS C 101 -5.10 -0.49 28.98
CA LYS C 101 -6.30 0.30 28.72
C LYS C 101 -7.22 -0.38 27.72
N ASP C 102 -6.66 -0.91 26.62
CA ASP C 102 -7.49 -1.31 25.48
C ASP C 102 -7.79 -2.80 25.43
N LEU C 103 -7.06 -3.62 26.19
CA LEU C 103 -7.24 -5.07 26.16
C LEU C 103 -7.54 -5.65 27.54
N LEU C 104 -6.67 -5.39 28.51
CA LEU C 104 -6.75 -6.11 29.78
C LEU C 104 -7.96 -5.63 30.58
N ILE C 105 -8.03 -4.33 30.88
CA ILE C 105 -9.16 -3.80 31.64
C ILE C 105 -10.48 -4.12 30.96
N PRO C 106 -10.67 -3.85 29.66
CA PRO C 106 -11.94 -4.24 29.04
C PRO C 106 -12.27 -5.72 29.15
N ALA C 107 -11.25 -6.59 29.17
CA ALA C 107 -11.57 -8.02 29.24
C ALA C 107 -12.08 -8.39 30.62
N VAL C 108 -11.46 -7.85 31.67
CA VAL C 108 -11.94 -8.12 33.02
C VAL C 108 -13.35 -7.54 33.20
N ASN C 109 -13.54 -6.28 32.77
CA ASN C 109 -14.85 -5.65 32.89
C ASN C 109 -15.91 -6.42 32.11
N GLY C 110 -15.54 -6.98 30.96
CA GLY C 110 -16.48 -7.77 30.19
C GLY C 110 -16.98 -9.00 30.91
N THR C 111 -16.26 -9.46 31.92
CA THR C 111 -16.74 -10.53 32.80
C THR C 111 -17.43 -9.98 34.04
N LYS C 112 -16.77 -9.06 34.75
CA LYS C 112 -17.32 -8.54 36.00
C LYS C 112 -18.70 -7.93 35.79
N GLY C 113 -18.91 -7.26 34.67
CA GLY C 113 -20.14 -6.53 34.39
C GLY C 113 -21.41 -7.35 34.48
N ILE C 114 -21.55 -8.34 33.61
CA ILE C 114 -22.76 -9.16 33.63
C ILE C 114 -22.92 -9.88 34.96
N LEU C 115 -21.81 -10.17 35.64
CA LEU C 115 -21.90 -10.84 36.94
C LEU C 115 -22.35 -9.85 38.01
N GLU C 116 -21.77 -8.65 38.01
CA GLU C 116 -22.21 -7.62 38.93
C GLU C 116 -23.66 -7.22 38.71
N SER C 117 -24.17 -7.41 37.48
CA SER C 117 -25.58 -7.18 37.19
C SER C 117 -26.46 -8.28 37.78
N ILE C 118 -26.08 -9.55 37.56
CA ILE C 118 -26.83 -10.67 38.10
C ILE C 118 -26.95 -10.54 39.63
N LYS C 119 -25.88 -10.07 40.29
CA LYS C 119 -25.93 -9.79 41.71
C LYS C 119 -26.94 -8.68 42.03
N LYS C 120 -27.19 -7.77 41.09
CA LYS C 120 -28.02 -6.60 41.35
C LYS C 120 -29.50 -6.86 41.12
N TYR C 121 -29.84 -7.62 40.08
CA TYR C 121 -31.23 -7.74 39.70
C TYR C 121 -31.73 -9.18 39.69
N ALA C 122 -30.84 -10.15 39.95
CA ALA C 122 -31.24 -11.55 39.82
C ALA C 122 -30.44 -12.44 40.77
N ALA C 123 -30.04 -11.90 41.93
CA ALA C 123 -29.14 -12.62 42.82
C ALA C 123 -29.64 -14.01 43.17
N GLN C 124 -30.96 -14.17 43.30
CA GLN C 124 -31.54 -15.46 43.68
C GLN C 124 -32.40 -16.07 42.60
N THR C 125 -32.31 -15.57 41.37
CA THR C 125 -33.01 -16.16 40.22
C THR C 125 -32.09 -16.92 39.29
N VAL C 126 -30.89 -16.42 39.02
CA VAL C 126 -29.98 -17.09 38.09
C VAL C 126 -29.43 -18.34 38.77
N GLU C 127 -29.67 -19.50 38.14
CA GLU C 127 -29.26 -20.79 38.68
C GLU C 127 -27.87 -21.23 38.18
N ARG C 128 -27.53 -20.94 36.91
CA ARG C 128 -26.32 -21.45 36.28
C ARG C 128 -25.71 -20.41 35.34
N VAL C 129 -24.43 -20.09 35.54
CA VAL C 129 -23.67 -19.25 34.62
C VAL C 129 -22.57 -20.09 33.97
N VAL C 130 -22.50 -20.03 32.63
CA VAL C 130 -21.39 -20.56 31.85
C VAL C 130 -20.70 -19.40 31.14
N VAL C 131 -19.38 -19.26 31.36
CA VAL C 131 -18.59 -18.21 30.74
C VAL C 131 -17.69 -18.83 29.66
N THR C 132 -17.73 -18.25 28.45
CA THR C 132 -16.84 -18.67 27.38
C THR C 132 -15.46 -18.09 27.62
N SER C 133 -14.48 -18.97 27.82
CA SER C 133 -13.13 -18.52 28.11
C SER C 133 -12.25 -18.88 26.92
N SER C 134 -11.06 -19.42 27.16
CA SER C 134 -10.16 -19.74 26.07
C SER C 134 -9.07 -20.67 26.58
N PHE C 135 -8.51 -21.45 25.65
CA PHE C 135 -7.23 -22.13 25.80
C PHE C 135 -6.20 -21.20 26.42
N ALA C 136 -6.27 -19.93 26.02
CA ALA C 136 -5.32 -18.93 26.48
C ALA C 136 -5.36 -18.72 28.00
N SER C 137 -6.43 -19.14 28.68
CA SER C 137 -6.38 -19.01 30.13
C SER C 137 -5.57 -20.14 30.76
N HIS C 138 -5.19 -21.15 29.98
CA HIS C 138 -4.44 -22.30 30.46
C HIS C 138 -2.96 -22.22 30.16
N THR C 139 -2.56 -21.37 29.21
CA THR C 139 -1.15 -21.24 28.86
C THR C 139 -0.90 -19.88 28.26
N SER C 140 0.25 -19.32 28.58
CA SER C 140 0.78 -18.18 27.83
C SER C 140 1.23 -18.65 26.45
N THR C 141 1.35 -17.68 25.53
CA THR C 141 1.99 -17.96 24.24
C THR C 141 3.39 -18.53 24.44
N VAL C 142 4.12 -18.03 25.43
CA VAL C 142 5.51 -18.46 25.62
C VAL C 142 5.63 -19.88 26.16
N ASP C 143 4.54 -20.49 26.63
CA ASP C 143 4.55 -21.85 27.14
C ASP C 143 3.81 -22.82 26.24
N MET C 144 3.47 -22.39 25.03
CA MET C 144 2.67 -23.19 24.12
C MET C 144 3.49 -24.16 23.29
N CYS C 145 4.82 -24.04 23.29
CA CYS C 145 5.64 -24.84 22.40
C CYS C 145 6.69 -25.65 23.16
N ASN C 146 6.28 -26.33 24.21
CA ASN C 146 7.17 -27.13 25.02
C ASN C 146 6.70 -28.56 24.92
N THR C 147 7.32 -29.33 24.02
CA THR C 147 6.85 -30.69 23.80
C THR C 147 7.05 -31.55 25.03
N LYS C 148 7.92 -31.13 25.95
CA LYS C 148 8.12 -31.86 27.19
C LYS C 148 7.08 -31.51 28.24
N GLY C 149 6.29 -30.45 28.02
CA GLY C 149 5.33 -29.99 29.00
C GLY C 149 4.00 -30.71 28.89
N LYS C 150 3.02 -30.19 29.62
CA LYS C 150 1.66 -30.72 29.59
C LYS C 150 0.69 -29.63 30.04
N ILE C 151 -0.38 -29.45 29.29
CA ILE C 151 -1.46 -28.54 29.64
C ILE C 151 -2.69 -29.38 29.97
N THR C 152 -3.28 -29.14 31.14
CA THR C 152 -4.57 -29.74 31.50
C THR C 152 -5.56 -28.65 31.91
N GLU C 153 -6.75 -29.08 32.33
CA GLU C 153 -7.75 -28.12 32.77
C GLU C 153 -7.32 -27.39 34.03
N ASP C 154 -6.40 -27.97 34.80
CA ASP C 154 -5.90 -27.31 35.99
C ASP C 154 -4.81 -26.30 35.67
N SER C 155 -4.18 -26.35 34.49
CA SER C 155 -3.13 -25.39 34.15
C SER C 155 -3.69 -23.98 33.98
N TRP C 156 -2.88 -23.00 34.34
CA TRP C 156 -3.21 -21.59 34.18
C TRP C 156 -2.08 -20.91 33.44
N ASN C 157 -2.45 -20.07 32.47
CA ASN C 157 -1.53 -19.08 31.92
C ASN C 157 -0.73 -18.43 33.03
N GLN C 158 0.59 -18.55 32.95
CA GLN C 158 1.48 -18.13 34.03
C GLN C 158 1.92 -16.68 33.93
N ASP C 159 1.55 -15.97 32.87
CA ASP C 159 1.92 -14.58 32.75
C ASP C 159 1.28 -13.73 33.86
N THR C 160 1.98 -12.68 34.23
CA THR C 160 1.44 -11.65 35.10
C THR C 160 0.74 -10.57 34.28
N TRP C 161 -0.01 -9.73 34.99
CA TRP C 161 -0.64 -8.56 34.40
C TRP C 161 0.37 -7.76 33.59
N GLU C 162 1.60 -7.66 34.08
CA GLU C 162 2.60 -6.80 33.47
C GLU C 162 3.34 -7.50 32.32
N ASN C 163 3.77 -8.76 32.52
CA ASN C 163 4.63 -9.37 31.51
C ASN C 163 3.88 -9.98 30.33
N CYS C 164 2.54 -10.05 30.37
CA CYS C 164 1.81 -10.42 29.16
C CYS C 164 1.77 -9.29 28.15
N GLN C 165 2.23 -8.09 28.49
CA GLN C 165 2.08 -6.92 27.64
C GLN C 165 3.26 -6.72 26.69
N THR C 166 4.07 -7.73 26.45
CA THR C 166 5.22 -7.57 25.56
C THR C 166 4.80 -7.45 24.09
N ASP C 167 3.63 -7.98 23.73
CA ASP C 167 3.18 -8.02 22.34
C ASP C 167 1.68 -8.28 22.32
N ALA C 168 1.06 -7.98 21.17
CA ALA C 168 -0.40 -7.96 21.07
C ALA C 168 -1.01 -9.34 21.34
N VAL C 169 -0.45 -10.40 20.74
CA VAL C 169 -1.04 -11.73 20.92
C VAL C 169 -0.89 -12.18 22.36
N ARG C 170 0.29 -11.96 22.95
CA ARG C 170 0.47 -12.33 24.35
C ARG C 170 -0.46 -11.53 25.25
N ALA C 171 -0.60 -10.24 24.98
CA ALA C 171 -1.54 -9.44 25.76
C ALA C 171 -2.97 -9.96 25.62
N TYR C 172 -3.35 -10.37 24.40
CA TYR C 172 -4.68 -10.93 24.20
C TYR C 172 -4.86 -12.22 24.99
N PHE C 173 -3.87 -13.11 24.95
CA PHE C 173 -3.91 -14.31 25.79
C PHE C 173 -4.06 -13.93 27.26
N GLY C 174 -3.29 -12.93 27.71
CA GLY C 174 -3.39 -12.51 29.09
C GLY C 174 -4.76 -11.95 29.41
N SER C 175 -5.36 -11.25 28.44
CA SER C 175 -6.71 -10.74 28.64
C SER C 175 -7.69 -11.88 28.87
N LYS C 176 -7.51 -13.02 28.19
CA LYS C 176 -8.41 -14.16 28.43
C LYS C 176 -8.19 -14.75 29.81
N LYS C 177 -6.93 -14.89 30.23
CA LYS C 177 -6.64 -15.37 31.58
C LYS C 177 -7.35 -14.50 32.63
N PHE C 178 -7.14 -13.20 32.58
CA PHE C 178 -7.63 -12.35 33.66
C PHE C 178 -9.14 -12.19 33.62
N ALA C 179 -9.74 -12.28 32.42
CA ALA C 179 -11.20 -12.29 32.34
C ALA C 179 -11.78 -13.52 33.02
N GLU C 180 -11.17 -14.70 32.82
CA GLU C 180 -11.68 -15.91 33.47
C GLU C 180 -11.43 -15.89 34.97
N GLU C 181 -10.24 -15.42 35.39
CA GLU C 181 -9.97 -15.29 36.82
C GLU C 181 -11.01 -14.41 37.49
N ALA C 182 -11.39 -13.33 36.81
CA ALA C 182 -12.45 -12.45 37.30
C ALA C 182 -13.73 -13.22 37.63
N ALA C 183 -14.11 -14.16 36.78
CA ALA C 183 -15.35 -14.90 37.02
C ALA C 183 -15.24 -15.78 38.26
N TRP C 184 -14.15 -16.54 38.38
CA TRP C 184 -13.99 -17.40 39.55
C TRP C 184 -13.85 -16.57 40.82
N GLU C 185 -13.14 -15.43 40.74
CA GLU C 185 -12.96 -14.58 41.91
C GLU C 185 -14.29 -14.00 42.38
N PHE C 186 -15.17 -13.65 41.44
CA PHE C 186 -16.48 -13.10 41.79
C PHE C 186 -17.35 -14.15 42.48
N LEU C 187 -17.43 -15.34 41.89
CA LEU C 187 -18.19 -16.43 42.50
C LEU C 187 -17.74 -16.67 43.94
N ASN C 188 -16.43 -16.68 44.17
CA ASN C 188 -15.92 -16.98 45.50
C ASN C 188 -16.24 -15.86 46.47
N LYS C 189 -16.21 -14.61 46.01
CA LYS C 189 -16.50 -13.46 46.85
C LYS C 189 -17.98 -13.25 47.10
N ASN C 190 -18.85 -13.95 46.36
CA ASN C 190 -20.30 -13.77 46.41
C ASN C 190 -21.03 -15.08 46.69
N LYS C 191 -20.36 -16.07 47.27
CA LYS C 191 -20.97 -17.37 47.50
C LYS C 191 -22.30 -17.26 48.23
N ASP C 192 -22.38 -16.33 49.19
CA ASP C 192 -23.60 -16.16 49.95
C ASP C 192 -24.62 -15.29 49.23
N THR C 193 -24.14 -14.32 48.43
CA THR C 193 -25.03 -13.32 47.84
C THR C 193 -25.80 -13.86 46.65
N VAL C 194 -25.15 -14.63 45.77
CA VAL C 194 -25.81 -15.12 44.56
C VAL C 194 -25.95 -16.63 44.64
N LYS C 195 -26.92 -17.13 43.87
CA LYS C 195 -27.35 -18.52 43.85
C LYS C 195 -26.63 -19.38 42.82
N PHE C 196 -26.07 -18.79 41.76
CA PHE C 196 -25.71 -19.58 40.59
C PHE C 196 -24.42 -20.38 40.81
N LYS C 197 -24.34 -21.48 40.08
CA LYS C 197 -23.11 -22.26 39.92
C LYS C 197 -22.42 -21.83 38.62
N LEU C 198 -21.09 -21.82 38.62
CA LEU C 198 -20.30 -21.38 37.47
C LEU C 198 -19.53 -22.55 36.84
N ALA C 199 -19.45 -22.55 35.50
CA ALA C 199 -18.57 -23.42 34.73
C ALA C 199 -18.03 -22.59 33.56
N THR C 200 -16.82 -22.92 33.10
CA THR C 200 -16.25 -22.22 31.95
C THR C 200 -15.92 -23.20 30.84
N VAL C 201 -16.15 -22.77 29.60
CA VAL C 201 -15.83 -23.53 28.40
C VAL C 201 -14.68 -22.81 27.72
N ASP C 202 -13.54 -23.51 27.58
CA ASP C 202 -12.24 -22.92 27.27
C ASP C 202 -11.76 -23.53 25.95
N PRO C 203 -12.13 -22.98 24.80
CA PRO C 203 -11.77 -23.61 23.54
C PRO C 203 -10.39 -23.23 23.00
N VAL C 204 -9.84 -24.18 22.23
CA VAL C 204 -8.69 -23.93 21.40
C VAL C 204 -9.16 -23.26 20.11
N TYR C 205 -8.39 -23.35 19.04
CA TYR C 205 -8.78 -22.68 17.80
C TYR C 205 -10.08 -23.31 17.30
N VAL C 206 -11.09 -22.49 16.98
CA VAL C 206 -12.43 -22.97 16.67
C VAL C 206 -12.59 -23.16 15.16
N PHE C 207 -12.89 -24.40 14.76
CA PHE C 207 -13.23 -24.78 13.40
C PHE C 207 -14.72 -25.07 13.29
N GLY C 208 -15.21 -25.16 12.06
CA GLY C 208 -16.51 -25.72 11.81
C GLY C 208 -17.38 -24.93 10.84
N PRO C 209 -18.49 -25.53 10.45
CA PRO C 209 -19.40 -24.85 9.51
C PRO C 209 -20.18 -23.73 10.16
N GLN C 210 -20.60 -22.78 9.37
CA GLN C 210 -21.42 -21.69 9.88
C GLN C 210 -22.85 -22.16 10.14
N ASN C 211 -23.47 -21.58 11.15
CA ASN C 211 -24.85 -21.94 11.48
C ASN C 211 -25.74 -21.56 10.32
N HIS C 212 -25.47 -20.40 9.76
CA HIS C 212 -26.25 -19.92 8.64
C HIS C 212 -25.37 -19.27 7.58
N ILE C 213 -25.78 -19.42 6.32
CA ILE C 213 -25.12 -18.77 5.20
C ILE C 213 -26.18 -18.01 4.40
N GLU C 214 -25.90 -16.74 4.09
CA GLU C 214 -26.89 -15.92 3.42
C GLU C 214 -26.96 -16.27 1.93
N LYS C 218 -21.99 -12.32 -2.73
CA LYS C 218 -20.86 -12.07 -3.63
C LYS C 218 -19.60 -12.75 -3.10
N VAL C 219 -19.16 -12.38 -1.90
CA VAL C 219 -18.03 -13.03 -1.24
C VAL C 219 -18.54 -13.65 0.06
N LEU C 220 -18.13 -14.89 0.31
CA LEU C 220 -18.60 -15.65 1.46
C LEU C 220 -17.79 -15.29 2.71
N ASN C 221 -18.48 -14.77 3.73
CA ASN C 221 -17.84 -14.53 5.02
C ASN C 221 -17.83 -15.81 5.84
N VAL C 222 -16.67 -16.12 6.41
CA VAL C 222 -16.42 -17.39 7.08
C VAL C 222 -15.78 -17.09 8.43
N SER C 223 -16.30 -17.71 9.49
CA SER C 223 -15.96 -17.32 10.85
C SER C 223 -14.66 -17.92 11.34
N SER C 224 -14.33 -19.13 10.90
CA SER C 224 -13.02 -19.70 11.15
C SER C 224 -12.16 -19.41 9.92
N GLU C 225 -11.04 -18.76 10.12
CA GLU C 225 -10.34 -18.21 8.98
C GLU C 225 -9.43 -19.21 8.27
N VAL C 226 -8.68 -20.03 9.00
CA VAL C 226 -7.53 -20.72 8.38
C VAL C 226 -7.98 -21.73 7.34
N ILE C 227 -9.09 -22.45 7.56
CA ILE C 227 -9.52 -23.44 6.57
C ILE C 227 -9.95 -22.75 5.29
N ASN C 228 -10.83 -21.76 5.40
CA ASN C 228 -11.24 -20.98 4.23
C ASN C 228 -10.05 -20.33 3.52
N GLN C 229 -9.10 -19.79 4.30
CA GLN C 229 -7.89 -19.22 3.72
C GLN C 229 -7.16 -20.22 2.84
N LEU C 230 -6.87 -21.40 3.39
CA LEU C 230 -6.14 -22.43 2.65
C LEU C 230 -6.93 -22.92 1.44
N VAL C 231 -8.26 -23.00 1.57
CA VAL C 231 -9.08 -23.44 0.44
C VAL C 231 -8.93 -22.49 -0.74
N HIS C 232 -8.67 -21.21 -0.46
CA HIS C 232 -8.61 -20.19 -1.49
C HIS C 232 -7.19 -19.81 -1.89
N LEU C 233 -6.18 -20.34 -1.21
CA LEU C 233 -4.80 -20.10 -1.65
C LEU C 233 -4.54 -20.81 -2.98
N LYS C 234 -3.65 -20.25 -3.78
CA LYS C 234 -3.23 -20.90 -5.01
C LYS C 234 -1.97 -21.73 -4.76
N LYS C 235 -1.65 -22.58 -5.74
CA LYS C 235 -0.69 -23.67 -5.53
C LYS C 235 0.64 -23.16 -5.01
N ASP C 236 1.10 -22.01 -5.50
CA ASP C 236 2.42 -21.51 -5.18
C ASP C 236 2.39 -20.34 -4.20
N ASP C 237 1.23 -20.03 -3.62
CA ASP C 237 1.14 -18.97 -2.63
C ASP C 237 1.88 -19.35 -1.34
N PRO C 238 2.50 -18.39 -0.67
CA PRO C 238 3.18 -18.69 0.61
C PRO C 238 2.18 -19.16 1.66
N LEU C 239 2.65 -20.00 2.55
CA LEU C 239 1.74 -20.60 3.53
C LEU C 239 1.64 -19.74 4.78
N PRO C 240 0.47 -19.59 5.40
CA PRO C 240 0.42 -19.04 6.76
C PRO C 240 1.03 -20.01 7.74
N GLN C 241 1.31 -19.51 8.93
CA GLN C 241 1.80 -20.36 10.01
C GLN C 241 0.83 -20.26 11.17
N VAL C 242 0.12 -21.35 11.41
CA VAL C 242 -0.92 -21.45 12.44
C VAL C 242 -0.73 -22.82 13.07
N ALA C 243 -0.58 -22.86 14.38
CA ALA C 243 -0.48 -24.14 15.05
C ALA C 243 -1.13 -24.03 16.41
N CYS C 244 -2.06 -24.92 16.69
CA CYS C 244 -2.81 -24.91 17.96
C CYS C 244 -3.54 -26.24 18.09
N GLY C 245 -4.39 -26.34 19.12
CA GLY C 245 -5.45 -27.33 19.07
C GLY C 245 -6.59 -26.83 18.17
N TYR C 246 -7.39 -27.78 17.68
CA TYR C 246 -8.64 -27.46 17.01
C TYR C 246 -9.81 -28.09 17.75
N ILE C 247 -11.00 -27.53 17.52
CA ILE C 247 -12.23 -28.04 18.11
C ILE C 247 -13.38 -27.56 17.22
N ASP C 248 -14.37 -28.44 17.03
CA ASP C 248 -15.53 -28.07 16.24
C ASP C 248 -16.48 -27.18 17.02
N VAL C 249 -16.96 -26.13 16.34
CA VAL C 249 -17.86 -25.14 16.95
C VAL C 249 -19.12 -25.80 17.52
N ARG C 250 -19.62 -26.84 16.86
CA ARG C 250 -20.83 -27.51 17.33
C ARG C 250 -20.58 -28.25 18.63
N ASP C 251 -19.36 -28.77 18.81
CA ASP C 251 -18.98 -29.40 20.08
C ASP C 251 -18.84 -28.37 21.20
N ILE C 252 -18.26 -27.20 20.90
CA ILE C 252 -18.24 -26.12 21.88
C ILE C 252 -19.66 -25.78 22.32
N ALA C 253 -20.57 -25.63 21.35
CA ALA C 253 -21.94 -25.25 21.67
C ALA C 253 -22.57 -26.26 22.60
N LYS C 254 -22.47 -27.54 22.26
CA LYS C 254 -23.04 -28.59 23.09
C LYS C 254 -22.47 -28.57 24.50
N ALA C 255 -21.16 -28.31 24.63
CA ALA C 255 -20.54 -28.25 25.96
C ALA C 255 -21.10 -27.10 26.79
N HIS C 256 -21.41 -25.96 26.16
CA HIS C 256 -22.03 -24.85 26.90
C HIS C 256 -23.37 -25.27 27.48
N ILE C 257 -24.16 -26.01 26.71
CA ILE C 257 -25.51 -26.40 27.14
C ILE C 257 -25.44 -27.45 28.24
N LEU C 258 -24.61 -28.47 28.05
CA LEU C 258 -24.37 -29.45 29.10
C LEU C 258 -23.86 -28.79 30.38
N ALA C 259 -23.05 -27.73 30.23
CA ALA C 259 -22.44 -27.08 31.39
C ALA C 259 -23.42 -26.32 32.26
N PHE C 260 -24.66 -26.10 31.83
CA PHE C 260 -25.70 -25.66 32.74
C PHE C 260 -26.76 -26.71 33.03
N GLN C 261 -26.87 -27.75 32.19
CA GLN C 261 -27.84 -28.81 32.43
C GLN C 261 -27.36 -29.82 33.48
N LYS C 262 -26.06 -30.08 33.54
CA LYS C 262 -25.54 -31.26 34.23
C LYS C 262 -24.80 -30.84 35.49
N ASP C 263 -25.20 -31.43 36.63
CA ASP C 263 -24.59 -31.02 37.89
C ASP C 263 -23.12 -31.43 37.98
N GLU C 264 -22.71 -32.48 37.28
CA GLU C 264 -21.30 -32.89 37.29
C GLU C 264 -20.38 -31.83 36.71
N LEU C 265 -20.90 -30.82 36.01
CA LEU C 265 -20.08 -29.80 35.39
C LEU C 265 -19.95 -28.54 36.24
N ILE C 266 -20.67 -28.49 37.37
CA ILE C 266 -20.52 -27.37 38.29
C ILE C 266 -19.06 -27.19 38.69
N GLY C 267 -18.62 -25.93 38.68
CA GLY C 267 -17.29 -25.57 39.16
C GLY C 267 -16.13 -26.08 38.34
N GLN C 268 -16.37 -26.45 37.08
CA GLN C 268 -15.35 -27.06 36.23
C GLN C 268 -14.91 -26.08 35.15
N ARG C 269 -13.60 -26.07 34.87
CA ARG C 269 -13.06 -25.47 33.66
C ARG C 269 -13.00 -26.57 32.61
N LEU C 270 -13.66 -26.35 31.47
CA LEU C 270 -13.75 -27.36 30.43
C LEU C 270 -12.84 -26.96 29.27
N LEU C 271 -11.92 -27.87 28.90
CA LEU C 271 -10.95 -27.62 27.85
C LEU C 271 -11.48 -28.23 26.56
N LEU C 272 -11.94 -27.36 25.66
CA LEU C 272 -12.60 -27.77 24.41
C LEU C 272 -11.53 -27.88 23.32
N HIS C 273 -11.07 -29.12 23.10
CA HIS C 273 -9.88 -29.45 22.33
C HIS C 273 -10.08 -30.87 21.79
N SER C 274 -9.92 -31.04 20.49
CA SER C 274 -10.04 -32.36 19.87
C SER C 274 -8.72 -32.94 19.39
N GLY C 275 -7.83 -32.13 18.82
CA GLY C 275 -6.54 -32.64 18.35
C GLY C 275 -5.65 -31.47 17.99
N LEU C 276 -4.37 -31.76 17.72
CA LEU C 276 -3.42 -30.71 17.37
C LEU C 276 -3.32 -30.53 15.86
N PHE C 277 -2.90 -29.34 15.43
CA PHE C 277 -2.70 -29.13 14.00
C PHE C 277 -1.62 -28.08 13.77
N THR C 278 -0.92 -28.21 12.65
CA THR C 278 -0.27 -27.09 11.95
C THR C 278 -0.97 -26.88 10.62
N VAL C 279 -0.52 -25.87 9.87
CA VAL C 279 -1.05 -25.65 8.54
C VAL C 279 -0.83 -26.89 7.68
N GLN C 280 0.32 -27.57 7.86
CA GLN C 280 0.57 -28.79 7.10
C GLN C 280 -0.47 -29.85 7.39
N THR C 281 -0.88 -29.98 8.67
CA THR C 281 -1.92 -30.93 9.03
C THR C 281 -3.18 -30.68 8.22
N LEU C 282 -3.57 -29.40 8.12
CA LEU C 282 -4.79 -29.02 7.42
C LEU C 282 -4.69 -29.28 5.93
N LEU C 283 -3.58 -28.87 5.31
CA LEU C 283 -3.37 -29.10 3.88
C LEU C 283 -3.44 -30.58 3.55
N ASP C 284 -2.75 -31.42 4.34
CA ASP C 284 -2.78 -32.86 4.13
C ASP C 284 -4.23 -33.37 4.10
N ALA C 285 -5.05 -32.90 5.03
CA ALA C 285 -6.43 -33.38 5.16
C ALA C 285 -7.32 -32.83 4.04
N ILE C 286 -7.24 -31.53 3.78
CA ILE C 286 -8.04 -30.96 2.69
C ILE C 286 -7.70 -31.62 1.36
N ASN C 287 -6.41 -31.77 1.06
CA ASN C 287 -6.00 -32.42 -0.19
C ASN C 287 -6.47 -33.87 -0.28
N GLU C 288 -6.42 -34.60 0.83
CA GLU C 288 -6.82 -36.01 0.79
C GLU C 288 -8.32 -36.13 0.62
N GLN C 289 -9.09 -35.27 1.27
CA GLN C 289 -10.54 -35.42 1.31
C GLN C 289 -11.28 -34.74 0.17
N PHE C 290 -10.63 -33.83 -0.57
CA PHE C 290 -11.29 -33.05 -1.62
C PHE C 290 -10.44 -33.14 -2.89
N PRO C 291 -10.61 -34.22 -3.66
CA PRO C 291 -9.80 -34.38 -4.88
C PRO C 291 -9.88 -33.20 -5.81
N GLU C 292 -11.01 -32.51 -5.85
CA GLU C 292 -11.18 -31.36 -6.73
C GLU C 292 -10.34 -30.16 -6.31
N LEU C 293 -9.73 -30.17 -5.12
CA LEU C 293 -8.83 -29.11 -4.72
C LEU C 293 -7.37 -29.47 -4.95
N ARG C 294 -7.05 -30.75 -5.19
CA ARG C 294 -5.66 -31.16 -5.39
C ARG C 294 -5.08 -30.46 -6.61
N GLY C 295 -3.89 -29.88 -6.45
CA GLY C 295 -3.26 -29.13 -7.50
C GLY C 295 -3.76 -27.72 -7.66
N LYS C 296 -4.91 -27.39 -7.06
CA LYS C 296 -5.41 -26.01 -7.03
C LYS C 296 -4.94 -25.26 -5.79
N ILE C 297 -4.94 -25.92 -4.63
CA ILE C 297 -4.47 -25.32 -3.37
C ILE C 297 -3.04 -25.79 -3.11
N PRO C 298 -2.32 -25.18 -2.16
CA PRO C 298 -0.96 -25.65 -1.85
C PRO C 298 -0.96 -27.10 -1.37
N ALA C 299 0.12 -27.80 -1.71
CA ALA C 299 0.38 -29.10 -1.10
C ALA C 299 1.26 -28.99 0.13
N GLY C 300 1.99 -27.89 0.28
CA GLY C 300 2.90 -27.71 1.40
C GLY C 300 4.09 -28.64 1.31
N GLU C 301 4.57 -29.09 2.48
CA GLU C 301 5.67 -30.03 2.57
C GLU C 301 5.23 -31.26 3.35
N PRO C 302 4.63 -32.24 2.67
CA PRO C 302 4.00 -33.35 3.40
C PRO C 302 5.04 -34.11 4.23
N GLY C 303 4.70 -34.35 5.49
CA GLY C 303 5.60 -34.96 6.44
C GLY C 303 6.39 -33.98 7.28
N SER C 304 6.44 -32.72 6.90
CA SER C 304 7.12 -31.70 7.67
CA SER C 304 7.13 -31.69 7.67
C SER C 304 6.17 -31.07 8.68
N ASN C 305 6.74 -30.34 9.63
CA ASN C 305 6.00 -29.51 10.57
C ASN C 305 4.82 -30.26 11.22
N LYS C 306 5.15 -31.38 11.85
CA LYS C 306 4.14 -32.14 12.61
C LYS C 306 3.84 -31.40 13.92
N PRO C 307 2.56 -31.23 14.27
CA PRO C 307 2.25 -30.46 15.49
C PRO C 307 2.83 -31.06 16.76
N GLU C 308 2.95 -32.39 16.84
CA GLU C 308 3.52 -33.05 18.01
C GLU C 308 4.99 -32.68 18.24
N ASP C 309 5.70 -32.28 17.20
CA ASP C 309 7.10 -31.88 17.34
C ASP C 309 7.25 -30.42 17.75
N LEU C 310 6.14 -29.70 17.89
CA LEU C 310 6.15 -28.27 18.12
C LEU C 310 5.42 -27.86 19.38
N LEU C 311 4.23 -28.41 19.63
CA LEU C 311 3.27 -27.85 20.58
C LEU C 311 3.30 -28.59 21.91
N THR C 312 3.13 -27.83 23.00
CA THR C 312 2.90 -28.43 24.31
C THR C 312 1.67 -29.33 24.26
N PRO C 313 1.77 -30.58 24.67
CA PRO C 313 0.62 -31.48 24.55
C PRO C 313 -0.49 -31.09 25.50
N ILE C 314 -1.71 -31.47 25.13
CA ILE C 314 -2.91 -31.13 25.89
C ILE C 314 -3.58 -32.44 26.32
N ASP C 315 -3.82 -32.58 27.63
CA ASP C 315 -4.57 -33.70 28.17
C ASP C 315 -5.88 -33.13 28.73
N ASN C 316 -6.97 -33.33 28.00
CA ASN C 316 -8.27 -32.84 28.47
C ASN C 316 -9.21 -34.03 28.74
N THR C 317 -8.63 -35.14 29.19
CA THR C 317 -9.41 -36.34 29.51
C THR C 317 -10.56 -36.02 30.46
N LYS C 318 -10.34 -35.10 31.40
CA LYS C 318 -11.40 -34.71 32.34
C LYS C 318 -12.61 -34.17 31.60
N THR C 319 -12.40 -33.11 30.80
CA THR C 319 -13.47 -32.54 29.99
C THR C 319 -14.17 -33.62 29.18
N LYS C 320 -13.40 -34.50 28.51
CA LYS C 320 -14.03 -35.49 27.65
C LYS C 320 -14.87 -36.48 28.46
N LYS C 321 -14.34 -36.97 29.59
CA LYS C 321 -15.11 -37.86 30.45
C LYS C 321 -16.38 -37.18 30.97
N LEU C 322 -16.24 -35.94 31.45
CA LEU C 322 -17.38 -35.21 32.02
C LEU C 322 -18.45 -34.93 30.96
N LEU C 323 -18.03 -34.49 29.77
CA LEU C 323 -19.02 -34.18 28.72
C LEU C 323 -19.71 -35.43 28.21
N GLY C 324 -19.00 -36.55 28.16
CA GLY C 324 -19.57 -37.82 27.82
C GLY C 324 -19.97 -38.02 26.38
N PHE C 325 -19.55 -37.17 25.46
CA PHE C 325 -19.81 -37.38 24.04
C PHE C 325 -18.49 -37.22 23.30
N GLU C 326 -18.38 -37.90 22.17
CA GLU C 326 -17.12 -37.90 21.42
C GLU C 326 -17.01 -36.66 20.55
N PHE C 327 -15.88 -35.98 20.63
CA PHE C 327 -15.64 -34.80 19.81
C PHE C 327 -15.43 -35.19 18.35
N ARG C 328 -15.83 -34.29 17.46
CA ARG C 328 -15.59 -34.48 16.04
C ARG C 328 -14.09 -34.40 15.74
N ASP C 329 -13.60 -35.34 14.93
CA ASP C 329 -12.18 -35.36 14.58
C ASP C 329 -11.92 -34.47 13.37
N LEU C 330 -10.65 -34.34 13.01
CA LEU C 330 -10.27 -33.39 11.96
C LEU C 330 -10.92 -33.75 10.63
N LYS C 331 -10.95 -35.04 10.29
CA LYS C 331 -11.56 -35.46 9.03
C LYS C 331 -13.01 -35.01 8.96
N THR C 332 -13.78 -35.23 10.03
CA THR C 332 -15.16 -34.78 10.06
C THR C 332 -15.24 -33.26 9.91
N ILE C 333 -14.40 -32.54 10.66
CA ILE C 333 -14.43 -31.08 10.61
C ILE C 333 -14.09 -30.58 9.22
N ILE C 334 -13.02 -31.12 8.62
CA ILE C 334 -12.61 -30.70 7.28
C ILE C 334 -13.72 -30.99 6.27
N GLN C 335 -14.32 -32.17 6.37
CA GLN C 335 -15.41 -32.54 5.47
C GLN C 335 -16.57 -31.57 5.54
N ASP C 336 -17.03 -31.26 6.75
CA ASP C 336 -18.19 -30.38 6.93
C ASP C 336 -17.86 -28.95 6.57
N THR C 337 -16.68 -28.48 6.98
CA THR C 337 -16.34 -27.08 6.79
C THR C 337 -16.06 -26.76 5.32
N VAL C 338 -15.24 -27.60 4.67
CA VAL C 338 -14.85 -27.31 3.29
C VAL C 338 -16.03 -27.52 2.34
N SER C 339 -16.80 -28.61 2.52
CA SER C 339 -17.93 -28.84 1.62
C SER C 339 -18.94 -27.70 1.73
N GLN C 340 -19.15 -27.17 2.94
CA GLN C 340 -20.01 -26.00 3.08
C GLN C 340 -19.49 -24.82 2.24
N ILE C 341 -18.19 -24.50 2.38
CA ILE C 341 -17.62 -23.40 1.61
C ILE C 341 -17.79 -23.65 0.11
N LEU C 342 -17.44 -24.86 -0.35
CA LEU C 342 -17.47 -25.15 -1.78
C LEU C 342 -18.90 -25.12 -2.33
N GLU C 343 -19.84 -25.71 -1.60
CA GLU C 343 -21.23 -25.69 -2.01
C GLU C 343 -21.80 -24.28 -1.99
N ALA C 344 -21.30 -23.42 -1.10
CA ALA C 344 -21.80 -22.06 -1.01
C ALA C 344 -21.30 -21.20 -2.17
N GLU C 345 -20.14 -21.53 -2.73
CA GLU C 345 -19.55 -20.70 -3.77
C GLU C 345 -19.72 -21.25 -5.18
N ASN C 346 -20.04 -22.53 -5.34
CA ASN C 346 -20.12 -23.16 -6.66
C ASN C 346 -21.43 -23.93 -6.79
N ALA C 347 -22.28 -23.48 -7.71
CA ALA C 347 -23.51 -24.24 -8.00
C ALA C 347 -23.17 -25.63 -8.51
N SER C 348 -22.09 -25.77 -9.28
CA SER C 348 -21.62 -27.07 -9.69
C SER C 348 -21.21 -27.88 -8.45
#